data_5VEM
#
_entry.id   5VEM
#
_cell.length_a   109.411
_cell.length_b   109.411
_cell.length_c   134.820
_cell.angle_alpha   90.00
_cell.angle_beta   90.00
_cell.angle_gamma   120.00
#
_symmetry.space_group_name_H-M   'P 31'
#
loop_
_entity.id
_entity.type
_entity.pdbx_description
1 polymer 'Ectonucleotide pyrophosphatase/phosphodiesterase family member 5'
2 branched 2-acetamido-2-deoxy-beta-D-glucopyranose-(1-4)-2-acetamido-2-deoxy-beta-D-glucopyranose
3 branched alpha-L-fucopyranose-(1-6)-2-acetamido-2-deoxy-beta-D-glucopyranose
4 non-polymer 'ZINC ION'
5 non-polymer 2-acetamido-2-deoxy-beta-D-glucopyranose
6 water water
#
_entity_poly.entity_id   1
_entity_poly.type   'polypeptide(L)'
_entity_poly.pdbx_seq_one_letter_code
;DRHHHHHHKLPDQQKVLLVSFDGFRWDYLYKVPTPHFHYIMKYGVHVKQVTNVFITKTYPNHYTLVTGLFAENHGIVAND
MFDPIRNKSFSLDHMNIYDSKFWEEATPIWITNQRAGHTSGAAMWPGTDVKIHKRFPTHYMPYNESVSFEDRVAKIIEWF
TSKEPINLGLLYWEDPDDMGHHLGPDSPLMGPVISDIDKKLGYLIQMLKKAKLWNTLNLIITSDHGMTQCSEERLIELDQ
YLDKDHYTLIDQSPVAAILPKEGKFDEVYEALTHAHPNLTVYKKEDVPERWHYKYNSRIQPIIAVADEGWHILQNKSDDF
LLGNHGYDNALADMHPIFLAHGPAFRKNFSKEAMNSTDLYPLLCHLLNITAMPHNGSFWNVQDLLNSAMPRVVPYTQSTI
LLPGSVKPAEYDQEGS
;
_entity_poly.pdbx_strand_id   A,B,C
#
# COMPACT_ATOMS: atom_id res chain seq x y z
N HIS A 5 45.81 -22.21 38.06
CA HIS A 5 47.04 -22.82 37.54
C HIS A 5 46.89 -24.33 37.44
N HIS A 6 47.30 -24.88 36.30
CA HIS A 6 47.20 -26.31 36.04
C HIS A 6 48.51 -26.82 35.48
N HIS A 7 48.88 -28.05 35.85
CA HIS A 7 50.13 -28.63 35.38
C HIS A 7 50.03 -29.13 33.95
N HIS A 8 48.84 -29.54 33.52
CA HIS A 8 48.56 -29.85 32.12
C HIS A 8 47.71 -28.76 31.52
N LYS A 9 48.02 -28.38 30.28
CA LYS A 9 47.17 -27.43 29.57
C LYS A 9 45.77 -28.01 29.42
N LEU A 10 44.77 -27.23 29.79
CA LEU A 10 43.40 -27.73 29.78
C LEU A 10 42.89 -27.82 28.34
N PRO A 11 42.13 -28.86 28.00
CA PRO A 11 41.73 -29.05 26.61
C PRO A 11 40.66 -28.06 26.19
N ASP A 12 40.91 -27.36 25.08
CA ASP A 12 39.93 -26.46 24.49
C ASP A 12 39.19 -27.23 23.40
N GLN A 13 37.93 -27.55 23.66
CA GLN A 13 37.14 -28.40 22.77
C GLN A 13 36.24 -27.55 21.88
N GLN A 14 36.86 -26.71 21.06
CA GLN A 14 36.13 -25.97 20.05
C GLN A 14 35.67 -26.92 18.95
N LYS A 15 34.72 -27.78 19.27
CA LYS A 15 34.21 -28.78 18.34
C LYS A 15 32.71 -28.61 18.13
N VAL A 16 32.26 -28.88 16.91
CA VAL A 16 30.86 -28.73 16.54
C VAL A 16 30.44 -29.89 15.66
N LEU A 17 29.27 -30.44 15.94
CA LEU A 17 28.59 -31.37 15.05
C LEU A 17 27.27 -30.71 14.66
N LEU A 18 27.13 -30.39 13.38
CA LEU A 18 25.94 -29.72 12.88
C LEU A 18 25.06 -30.75 12.18
N VAL A 19 23.86 -30.95 12.72
CA VAL A 19 22.92 -31.96 12.22
C VAL A 19 21.72 -31.23 11.65
N SER A 20 21.30 -31.64 10.45
CA SER A 20 20.10 -31.10 9.82
C SER A 20 19.14 -32.24 9.51
N PHE A 21 17.92 -32.12 10.02
CA PHE A 21 16.82 -32.99 9.62
C PHE A 21 15.95 -32.21 8.65
N ASP A 22 16.04 -32.58 7.38
CA ASP A 22 15.40 -31.79 6.32
C ASP A 22 13.91 -31.65 6.58
N GLY A 23 13.43 -30.42 6.54
CA GLY A 23 12.01 -30.14 6.63
C GLY A 23 11.41 -30.38 8.00
N PHE A 24 12.14 -30.07 9.07
CA PHE A 24 11.63 -30.25 10.43
C PHE A 24 11.01 -28.93 10.86
N ARG A 25 9.69 -28.83 10.74
CA ARG A 25 9.00 -27.60 11.10
C ARG A 25 9.12 -27.33 12.59
N TRP A 26 9.06 -26.05 12.95
CA TRP A 26 9.35 -25.65 14.32
C TRP A 26 8.42 -26.31 15.32
N ASP A 27 7.18 -26.59 14.94
CA ASP A 27 6.18 -27.10 15.85
C ASP A 27 6.04 -28.62 15.82
N TYR A 28 6.80 -29.31 14.97
CA TYR A 28 6.80 -30.77 15.00
C TYR A 28 7.17 -31.31 16.38
N LEU A 29 7.93 -30.53 17.16
CA LEU A 29 8.31 -30.97 18.50
C LEU A 29 7.10 -31.28 19.37
N TYR A 30 5.95 -30.71 19.04
CA TYR A 30 4.77 -30.82 19.89
C TYR A 30 3.66 -31.66 19.27
N LYS A 31 3.82 -32.11 18.02
CA LYS A 31 2.83 -33.00 17.43
C LYS A 31 2.79 -34.34 18.14
N VAL A 32 3.93 -34.80 18.63
CA VAL A 32 4.01 -36.09 19.33
C VAL A 32 4.98 -35.96 20.50
N PRO A 33 5.07 -36.95 21.39
CA PRO A 33 6.11 -36.93 22.40
C PRO A 33 7.48 -37.03 21.75
N THR A 34 8.37 -36.11 22.13
CA THR A 34 9.73 -36.05 21.60
C THR A 34 10.69 -35.98 22.78
N PRO A 35 10.88 -37.08 23.50
CA PRO A 35 11.69 -37.03 24.72
C PRO A 35 13.14 -36.63 24.48
N HIS A 36 13.76 -37.12 23.40
CA HIS A 36 15.15 -36.78 23.13
C HIS A 36 15.31 -35.31 22.75
N PHE A 37 14.38 -34.76 21.97
CA PHE A 37 14.41 -33.34 21.66
C PHE A 37 14.22 -32.50 22.92
N HIS A 38 13.30 -32.92 23.81
CA HIS A 38 13.11 -32.20 25.06
C HIS A 38 14.26 -32.46 26.02
N TYR A 39 14.94 -33.59 25.88
CA TYR A 39 16.14 -33.85 26.66
C TYR A 39 17.22 -32.82 26.37
N ILE A 40 17.45 -32.53 25.09
CA ILE A 40 18.41 -31.50 24.71
C ILE A 40 17.93 -30.13 25.18
N MET A 41 16.64 -29.84 25.01
CA MET A 41 16.09 -28.59 25.51
C MET A 41 16.38 -28.42 27.00
N LYS A 42 16.25 -29.50 27.77
CA LYS A 42 16.41 -29.41 29.21
C LYS A 42 17.85 -29.06 29.60
N TYR A 43 18.83 -29.61 28.87
CA TYR A 43 20.23 -29.38 29.17
C TYR A 43 20.93 -28.60 28.06
N GLY A 44 20.18 -27.82 27.28
CA GLY A 44 20.75 -27.03 26.22
C GLY A 44 19.93 -25.80 25.91
N VAL A 45 20.11 -25.25 24.73
CA VAL A 45 19.38 -24.07 24.30
C VAL A 45 18.35 -24.48 23.26
N HIS A 46 17.30 -23.67 23.15
CA HIS A 46 16.20 -23.99 22.24
C HIS A 46 15.60 -22.68 21.74
N VAL A 47 15.46 -22.56 20.42
CA VAL A 47 14.82 -21.42 19.79
C VAL A 47 13.47 -21.89 19.26
N LYS A 48 12.41 -21.17 19.61
CA LYS A 48 11.07 -21.59 19.23
C LYS A 48 10.90 -21.58 17.71
N GLN A 49 11.38 -20.54 17.03
CA GLN A 49 11.23 -20.44 15.59
C GLN A 49 12.46 -19.80 14.97
N VAL A 50 12.96 -20.40 13.89
CA VAL A 50 14.06 -19.85 13.11
C VAL A 50 13.49 -19.20 11.87
N THR A 51 13.94 -17.98 11.58
CA THR A 51 13.61 -17.31 10.33
C THR A 51 14.70 -17.65 9.32
N ASN A 52 14.34 -18.44 8.32
CA ASN A 52 15.27 -18.90 7.30
C ASN A 52 15.26 -17.91 6.14
N VAL A 53 15.94 -18.25 5.05
CA VAL A 53 16.08 -17.33 3.92
C VAL A 53 15.09 -17.74 2.83
N PHE A 54 14.78 -16.78 1.97
CA PHE A 54 13.87 -16.97 0.85
C PHE A 54 14.71 -17.23 -0.39
N ILE A 55 14.33 -18.17 -1.27
CA ILE A 55 13.19 -19.07 -1.10
C ILE A 55 13.50 -20.16 -0.06
N THR A 56 12.46 -20.65 0.61
CA THR A 56 12.63 -21.63 1.69
C THR A 56 12.72 -23.06 1.14
N LYS A 57 13.73 -23.29 0.33
CA LYS A 57 14.05 -24.59 -0.24
C LYS A 57 15.30 -25.16 0.42
N THR A 58 15.58 -26.43 0.10
CA THR A 58 16.62 -27.17 0.80
C THR A 58 18.02 -26.57 0.54
N TYR A 59 18.42 -26.51 -0.73
CA TYR A 59 19.82 -26.17 -1.02
C TYR A 59 20.12 -24.70 -0.72
N PRO A 60 19.25 -23.76 -1.09
CA PRO A 60 19.51 -22.36 -0.70
C PRO A 60 19.72 -22.18 0.79
N ASN A 61 18.96 -22.88 1.63
CA ASN A 61 19.01 -22.67 3.06
C ASN A 61 20.15 -23.42 3.73
N HIS A 62 20.50 -24.61 3.24
CA HIS A 62 21.65 -25.31 3.81
C HIS A 62 22.93 -24.53 3.56
N TYR A 63 23.04 -23.89 2.40
CA TYR A 63 24.23 -23.11 2.08
C TYR A 63 24.29 -21.82 2.89
N THR A 64 23.12 -21.26 3.24
CA THR A 64 23.11 -20.11 4.14
C THR A 64 23.69 -20.48 5.49
N LEU A 65 23.41 -21.69 5.97
CA LEU A 65 23.90 -22.11 7.27
C LEU A 65 25.43 -22.19 7.31
N VAL A 66 26.06 -22.52 6.18
CA VAL A 66 27.51 -22.70 6.13
C VAL A 66 28.21 -21.51 5.49
N THR A 67 27.49 -20.42 5.25
CA THR A 67 28.09 -19.19 4.72
C THR A 67 27.61 -17.93 5.43
N GLY A 68 26.43 -17.95 6.04
CA GLY A 68 25.90 -16.77 6.68
C GLY A 68 25.42 -15.71 5.71
N LEU A 69 25.17 -16.09 4.45
CA LEU A 69 24.80 -15.15 3.40
C LEU A 69 23.39 -15.41 2.91
N PHE A 70 22.73 -14.33 2.48
CA PHE A 70 21.45 -14.47 1.83
C PHE A 70 21.61 -15.21 0.50
N ALA A 71 20.49 -15.67 -0.04
CA ALA A 71 20.54 -16.50 -1.24
C ALA A 71 21.10 -15.72 -2.42
N GLU A 72 20.76 -14.44 -2.55
CA GLU A 72 21.24 -13.66 -3.67
C GLU A 72 22.76 -13.53 -3.63
N ASN A 73 23.35 -13.60 -2.44
CA ASN A 73 24.78 -13.41 -2.28
C ASN A 73 25.58 -14.69 -2.44
N HIS A 74 25.13 -15.81 -1.84
CA HIS A 74 25.93 -17.03 -1.94
C HIS A 74 25.66 -17.81 -3.21
N GLY A 75 24.59 -17.50 -3.95
CA GLY A 75 24.43 -17.94 -5.32
C GLY A 75 23.59 -19.18 -5.52
N ILE A 76 23.37 -19.97 -4.46
CA ILE A 76 22.47 -21.12 -4.57
C ILE A 76 21.05 -20.62 -4.35
N VAL A 77 20.47 -20.02 -5.40
CA VAL A 77 19.19 -19.35 -5.28
C VAL A 77 18.01 -20.32 -5.27
N ALA A 78 18.19 -21.53 -5.78
CA ALA A 78 17.10 -22.48 -5.85
C ALA A 78 17.67 -23.88 -6.08
N ASN A 79 16.81 -24.89 -5.84
CA ASN A 79 17.15 -26.25 -6.19
C ASN A 79 17.25 -26.45 -7.70
N ASP A 80 16.58 -25.58 -8.46
CA ASP A 80 16.66 -25.58 -9.92
C ASP A 80 16.89 -24.15 -10.37
N MET A 81 17.97 -23.92 -11.11
CA MET A 81 18.30 -22.57 -11.54
C MET A 81 19.11 -22.62 -12.82
N PHE A 82 19.02 -21.54 -13.59
CA PHE A 82 19.70 -21.40 -14.87
C PHE A 82 20.61 -20.18 -14.83
N ASP A 83 21.88 -20.38 -15.19
CA ASP A 83 22.86 -19.29 -15.20
C ASP A 83 22.87 -18.65 -16.59
N PRO A 84 22.31 -17.44 -16.76
CA PRO A 84 22.29 -16.85 -18.11
C PRO A 84 23.65 -16.40 -18.59
N ILE A 85 24.56 -16.06 -17.68
CA ILE A 85 25.88 -15.59 -18.09
C ILE A 85 26.71 -16.75 -18.63
N ARG A 86 26.46 -17.97 -18.17
CA ARG A 86 27.23 -19.14 -18.57
C ARG A 86 26.42 -20.16 -19.34
N ASN A 87 25.12 -19.97 -19.50
CA ASN A 87 24.26 -20.92 -20.21
C ASN A 87 24.41 -22.31 -19.61
N LYS A 88 24.28 -22.38 -18.28
CA LYS A 88 24.37 -23.62 -17.53
C LYS A 88 23.17 -23.78 -16.61
N SER A 89 22.79 -25.03 -16.36
CA SER A 89 21.64 -25.36 -15.55
C SER A 89 22.05 -26.20 -14.35
N PHE A 90 21.35 -25.97 -13.23
CA PHE A 90 21.57 -26.67 -11.97
C PHE A 90 20.25 -27.31 -11.55
N SER A 91 20.28 -28.62 -11.29
CA SER A 91 19.05 -29.32 -10.93
C SER A 91 19.34 -30.48 -9.98
N LEU A 92 18.39 -30.71 -9.06
CA LEU A 92 18.46 -31.84 -8.13
C LEU A 92 17.84 -33.10 -8.69
N ASP A 93 16.90 -32.99 -9.63
CA ASP A 93 16.18 -34.17 -10.10
C ASP A 93 17.13 -35.27 -10.54
N HIS A 94 18.24 -34.89 -11.18
CA HIS A 94 19.26 -35.83 -11.60
C HIS A 94 20.61 -35.48 -10.98
N MET A 95 20.58 -34.90 -9.78
CA MET A 95 21.81 -34.63 -9.03
C MET A 95 22.83 -33.88 -9.89
N ASN A 96 22.33 -33.03 -10.79
CA ASN A 96 23.19 -32.17 -11.61
C ASN A 96 23.57 -30.93 -10.77
N ILE A 97 24.42 -31.17 -9.79
CA ILE A 97 24.78 -30.16 -8.80
C ILE A 97 26.28 -29.93 -8.71
N TYR A 98 27.08 -30.59 -9.56
CA TYR A 98 28.53 -30.64 -9.36
C TYR A 98 29.28 -29.64 -10.23
N ASP A 99 28.60 -28.64 -10.78
CA ASP A 99 29.28 -27.55 -11.48
C ASP A 99 29.77 -26.55 -10.43
N SER A 100 31.06 -26.60 -10.14
CA SER A 100 31.62 -25.85 -9.02
C SER A 100 31.32 -24.35 -9.10
N LYS A 101 31.19 -23.79 -10.30
CA LYS A 101 30.92 -22.36 -10.39
C LYS A 101 29.59 -21.98 -9.77
N PHE A 102 28.64 -22.92 -9.69
CA PHE A 102 27.36 -22.60 -9.08
C PHE A 102 27.53 -22.35 -7.58
N TRP A 103 28.50 -23.03 -6.95
CA TRP A 103 28.75 -22.92 -5.53
C TRP A 103 29.81 -21.88 -5.18
N GLU A 104 30.57 -21.39 -6.15
CA GLU A 104 31.79 -20.66 -5.87
C GLU A 104 31.59 -19.17 -5.65
N GLU A 105 30.36 -18.67 -5.62
CA GLU A 105 30.12 -17.29 -5.25
C GLU A 105 30.24 -17.05 -3.75
N ALA A 106 30.46 -18.10 -2.96
CA ALA A 106 30.69 -17.98 -1.53
C ALA A 106 31.66 -19.07 -1.12
N THR A 107 32.06 -19.04 0.16
CA THR A 107 32.99 -20.02 0.70
C THR A 107 32.33 -20.77 1.85
N PRO A 108 32.00 -22.05 1.70
CA PRO A 108 31.42 -22.79 2.83
C PRO A 108 32.38 -22.87 4.01
N ILE A 109 31.81 -23.11 5.19
CA ILE A 109 32.60 -23.00 6.41
C ILE A 109 33.69 -24.06 6.48
N TRP A 110 33.45 -25.25 5.92
CA TRP A 110 34.44 -26.30 6.04
C TRP A 110 35.72 -25.96 5.29
N ILE A 111 35.63 -25.15 4.24
CA ILE A 111 36.83 -24.67 3.56
C ILE A 111 37.59 -23.71 4.47
N THR A 112 36.89 -22.69 4.98
CA THR A 112 37.53 -21.76 5.91
C THR A 112 38.11 -22.50 7.11
N ASN A 113 37.39 -23.50 7.61
CA ASN A 113 37.89 -24.30 8.73
C ASN A 113 39.20 -24.98 8.36
N GLN A 114 39.26 -25.60 7.18
CA GLN A 114 40.45 -26.33 6.78
C GLN A 114 41.59 -25.38 6.40
N ARG A 115 41.26 -24.20 5.87
CA ARG A 115 42.29 -23.20 5.64
C ARG A 115 42.94 -22.73 6.94
N ALA A 116 42.28 -22.92 8.07
CA ALA A 116 42.82 -22.55 9.38
C ALA A 116 43.56 -23.68 10.06
N GLY A 117 43.79 -24.80 9.38
CA GLY A 117 44.58 -25.89 9.93
C GLY A 117 43.79 -27.03 10.52
N HIS A 118 42.46 -26.94 10.55
CA HIS A 118 41.62 -27.98 11.11
C HIS A 118 41.18 -28.93 10.01
N THR A 119 40.41 -29.96 10.39
CA THR A 119 39.84 -30.89 9.44
C THR A 119 38.33 -30.97 9.67
N SER A 120 37.61 -31.29 8.58
CA SER A 120 36.16 -31.34 8.60
C SER A 120 35.67 -32.69 8.10
N GLY A 121 34.54 -33.12 8.62
CA GLY A 121 33.90 -34.35 8.18
C GLY A 121 32.46 -34.14 7.81
N ALA A 122 32.04 -34.67 6.67
CA ALA A 122 30.70 -34.45 6.14
C ALA A 122 30.01 -35.79 5.89
N ALA A 123 28.71 -35.84 6.22
CA ALA A 123 27.90 -37.04 6.06
C ALA A 123 26.60 -36.64 5.34
N MET A 124 26.69 -36.43 4.03
CA MET A 124 25.55 -36.20 3.13
C MET A 124 25.01 -34.78 3.19
N TRP A 125 25.69 -33.86 3.85
CA TRP A 125 25.23 -32.47 3.86
C TRP A 125 25.31 -31.89 2.46
N PRO A 126 24.29 -31.17 1.98
CA PRO A 126 24.32 -30.66 0.62
C PRO A 126 25.60 -29.90 0.31
N GLY A 127 26.25 -30.27 -0.79
CA GLY A 127 27.44 -29.60 -1.25
C GLY A 127 28.76 -30.17 -0.76
N THR A 128 28.74 -31.10 0.19
CA THR A 128 29.98 -31.61 0.75
C THR A 128 30.66 -32.64 -0.16
N ASP A 129 29.95 -33.17 -1.15
CA ASP A 129 30.56 -34.00 -2.19
C ASP A 129 30.76 -33.24 -3.49
N VAL A 130 30.82 -31.91 -3.42
CA VAL A 130 31.06 -31.05 -4.58
C VAL A 130 32.40 -30.35 -4.38
N LYS A 131 33.18 -30.27 -5.45
CA LYS A 131 34.48 -29.61 -5.36
C LYS A 131 34.25 -28.11 -5.49
N ILE A 132 34.53 -27.38 -4.40
CA ILE A 132 34.30 -25.95 -4.33
C ILE A 132 35.63 -25.28 -4.05
N HIS A 133 35.95 -24.24 -4.82
CA HIS A 133 37.24 -23.56 -4.69
C HIS A 133 38.38 -24.57 -4.68
N LYS A 134 38.24 -25.63 -5.49
CA LYS A 134 39.24 -26.68 -5.68
C LYS A 134 39.34 -27.63 -4.49
N ARG A 135 38.41 -27.59 -3.54
CA ARG A 135 38.58 -28.31 -2.29
C ARG A 135 37.33 -29.08 -1.92
N PHE A 136 37.51 -30.00 -0.99
CA PHE A 136 36.46 -30.82 -0.41
C PHE A 136 36.57 -30.73 1.11
N PRO A 137 35.56 -31.20 1.83
CA PRO A 137 35.77 -31.46 3.26
C PRO A 137 36.84 -32.53 3.43
N THR A 138 37.63 -32.40 4.50
CA THR A 138 38.72 -33.35 4.72
C THR A 138 38.25 -34.78 4.58
N HIS A 139 37.09 -35.09 5.15
CA HIS A 139 36.41 -36.36 4.93
C HIS A 139 34.99 -36.05 4.51
N TYR A 140 34.45 -36.87 3.62
CA TYR A 140 33.08 -36.67 3.17
C TYR A 140 32.58 -37.95 2.54
N MET A 141 31.28 -38.01 2.35
CA MET A 141 30.62 -39.13 1.72
C MET A 141 30.01 -38.72 0.38
N PRO A 142 30.12 -39.55 -0.65
CA PRO A 142 29.33 -39.29 -1.87
C PRO A 142 27.86 -39.39 -1.55
N TYR A 143 27.07 -38.45 -2.06
CA TYR A 143 25.66 -38.42 -1.73
C TYR A 143 24.97 -39.67 -2.25
N ASN A 144 24.21 -40.33 -1.36
CA ASN A 144 23.48 -41.55 -1.70
C ASN A 144 22.37 -41.69 -0.67
N GLU A 145 21.14 -41.32 -1.06
CA GLU A 145 20.02 -41.28 -0.13
C GLU A 145 19.78 -42.63 0.56
N SER A 146 20.27 -43.73 -0.01
CA SER A 146 20.00 -45.04 0.57
C SER A 146 20.80 -45.28 1.83
N VAL A 147 21.96 -44.63 1.97
CA VAL A 147 22.83 -44.81 3.13
C VAL A 147 22.03 -44.53 4.39
N SER A 148 21.99 -45.49 5.30
CA SER A 148 21.17 -45.38 6.49
C SER A 148 21.65 -44.25 7.39
N PHE A 149 20.78 -43.82 8.31
CA PHE A 149 21.17 -42.85 9.30
C PHE A 149 22.29 -43.37 10.18
N GLU A 150 22.22 -44.65 10.55
CA GLU A 150 23.22 -45.22 11.45
C GLU A 150 24.60 -45.27 10.79
N ASP A 151 24.64 -45.55 9.48
CA ASP A 151 25.92 -45.56 8.78
C ASP A 151 26.52 -44.16 8.71
N ARG A 152 25.68 -43.14 8.49
CA ARG A 152 26.19 -41.77 8.46
C ARG A 152 26.74 -41.35 9.81
N VAL A 153 26.05 -41.72 10.90
CA VAL A 153 26.55 -41.43 12.24
C VAL A 153 27.87 -42.16 12.47
N ALA A 154 28.01 -43.37 11.92
CA ALA A 154 29.23 -44.14 12.13
C ALA A 154 30.45 -43.38 11.61
N LYS A 155 30.36 -42.83 10.39
CA LYS A 155 31.48 -42.08 9.84
C LYS A 155 31.77 -40.81 10.64
N ILE A 156 30.74 -40.13 11.13
CA ILE A 156 30.97 -38.93 11.92
C ILE A 156 31.69 -39.29 13.22
N ILE A 157 31.21 -40.31 13.93
CA ILE A 157 31.87 -40.73 15.15
C ILE A 157 33.30 -41.14 14.87
N GLU A 158 33.51 -41.91 13.79
CA GLU A 158 34.85 -42.34 13.43
C GLU A 158 35.78 -41.15 13.25
N TRP A 159 35.35 -40.15 12.49
CA TRP A 159 36.21 -39.02 12.18
C TRP A 159 36.47 -38.14 13.41
N PHE A 160 35.56 -38.12 14.37
CA PHE A 160 35.78 -37.36 15.60
C PHE A 160 36.71 -38.07 16.57
N THR A 161 36.83 -39.40 16.48
CA THR A 161 37.64 -40.17 17.42
C THR A 161 38.94 -40.69 16.79
N SER A 162 39.24 -40.29 15.56
CA SER A 162 40.44 -40.77 14.88
C SER A 162 41.70 -40.15 15.49
N LYS A 163 42.85 -40.63 15.01
CA LYS A 163 44.13 -40.08 15.47
C LYS A 163 44.22 -38.60 15.16
N GLU A 164 43.99 -38.22 13.90
CA GLU A 164 43.74 -36.82 13.56
C GLU A 164 42.24 -36.62 13.55
N PRO A 165 41.65 -35.91 14.51
CA PRO A 165 40.19 -35.82 14.56
C PRO A 165 39.67 -34.54 13.95
N ILE A 166 38.44 -34.58 13.41
CA ILE A 166 37.81 -33.38 12.91
C ILE A 166 37.34 -32.53 14.08
N ASN A 167 37.23 -31.23 13.85
CA ASN A 167 36.58 -30.33 14.79
C ASN A 167 35.20 -29.89 14.31
N LEU A 168 34.87 -30.15 13.05
CA LEU A 168 33.56 -29.81 12.49
C LEU A 168 32.98 -31.03 11.82
N GLY A 169 31.74 -31.35 12.16
CA GLY A 169 31.02 -32.44 11.51
C GLY A 169 29.68 -31.97 11.00
N LEU A 170 29.36 -32.37 9.76
CA LEU A 170 28.10 -32.04 9.12
C LEU A 170 27.32 -33.33 8.90
N LEU A 171 26.11 -33.37 9.44
CA LEU A 171 25.24 -34.55 9.31
C LEU A 171 23.89 -34.12 8.73
N TYR A 172 23.39 -34.91 7.78
CA TYR A 172 22.17 -34.57 7.06
C TYR A 172 21.30 -35.81 6.88
N TRP A 173 19.99 -35.58 6.91
CA TRP A 173 19.00 -36.64 6.77
C TRP A 173 17.80 -36.10 6.00
N GLU A 174 17.20 -36.95 5.15
CA GLU A 174 16.18 -36.50 4.23
C GLU A 174 14.79 -36.41 4.85
N ASP A 175 14.59 -36.89 6.06
CA ASP A 175 13.28 -36.82 6.72
C ASP A 175 13.31 -35.80 7.84
N PRO A 176 12.13 -35.22 8.18
CA PRO A 176 10.80 -35.58 7.69
C PRO A 176 10.34 -34.83 6.45
N ASP A 177 11.25 -34.24 5.67
CA ASP A 177 10.83 -33.54 4.46
C ASP A 177 10.13 -34.48 3.49
N ASP A 178 10.75 -35.63 3.22
CA ASP A 178 10.17 -36.57 2.25
C ASP A 178 8.77 -36.99 2.66
N MET A 179 8.59 -37.46 3.89
CA MET A 179 7.27 -37.90 4.32
C MET A 179 6.32 -36.73 4.45
N GLY A 180 6.80 -35.59 4.93
CA GLY A 180 5.97 -34.39 4.97
C GLY A 180 5.44 -34.00 3.61
N HIS A 181 6.23 -34.21 2.57
CA HIS A 181 5.77 -33.94 1.21
C HIS A 181 4.60 -34.85 0.82
N HIS A 182 4.79 -36.16 0.96
CA HIS A 182 3.81 -37.11 0.46
C HIS A 182 2.60 -37.21 1.37
N LEU A 183 2.79 -37.06 2.68
CA LEU A 183 1.68 -37.17 3.62
C LEU A 183 0.99 -35.83 3.84
N GLY A 184 1.75 -34.74 3.88
CA GLY A 184 1.23 -33.46 4.27
C GLY A 184 1.39 -33.26 5.77
N PRO A 185 1.84 -32.07 6.20
CA PRO A 185 2.11 -31.89 7.63
C PRO A 185 0.88 -32.07 8.51
N ASP A 186 -0.32 -31.98 7.94
CA ASP A 186 -1.54 -32.17 8.71
C ASP A 186 -1.88 -33.64 8.92
N SER A 187 -1.27 -34.54 8.15
CA SER A 187 -1.61 -35.94 8.24
C SER A 187 -1.31 -36.47 9.64
N PRO A 188 -2.20 -37.25 10.24
CA PRO A 188 -1.86 -37.90 11.52
C PRO A 188 -0.73 -38.91 11.38
N LEU A 189 -0.46 -39.38 10.15
CA LEU A 189 0.65 -40.30 9.93
C LEU A 189 2.02 -39.65 10.12
N MET A 190 2.07 -38.32 10.25
CA MET A 190 3.35 -37.65 10.50
C MET A 190 3.87 -37.95 11.90
N GLY A 191 2.99 -38.28 12.84
CA GLY A 191 3.40 -38.59 14.18
C GLY A 191 4.45 -39.68 14.24
N PRO A 192 4.13 -40.85 13.67
CA PRO A 192 5.15 -41.91 13.57
C PRO A 192 6.42 -41.44 12.88
N VAL A 193 6.31 -40.51 11.93
CA VAL A 193 7.50 -40.02 11.23
C VAL A 193 8.34 -39.16 12.18
N ILE A 194 7.69 -38.25 12.90
CA ILE A 194 8.41 -37.38 13.82
C ILE A 194 9.00 -38.20 14.97
N SER A 195 8.24 -39.14 15.52
CA SER A 195 8.74 -39.98 16.59
C SER A 195 9.98 -40.74 16.14
N ASP A 196 10.01 -41.19 14.89
CA ASP A 196 11.19 -41.87 14.38
C ASP A 196 12.41 -40.95 14.39
N ILE A 197 12.21 -39.68 14.04
CA ILE A 197 13.32 -38.72 14.06
C ILE A 197 13.82 -38.55 15.50
N ASP A 198 12.89 -38.50 16.45
CA ASP A 198 13.29 -38.46 17.86
C ASP A 198 14.06 -39.71 18.26
N LYS A 199 13.61 -40.87 17.80
CA LYS A 199 14.39 -42.09 18.00
C LYS A 199 15.79 -41.95 17.42
N LYS A 200 15.87 -41.43 16.18
CA LYS A 200 17.17 -41.27 15.53
C LYS A 200 18.05 -40.28 16.28
N LEU A 201 17.46 -39.21 16.81
CA LEU A 201 18.22 -38.27 17.62
C LEU A 201 18.78 -38.97 18.85
N GLY A 202 17.95 -39.78 19.52
CA GLY A 202 18.43 -40.53 20.67
C GLY A 202 19.58 -41.46 20.33
N TYR A 203 19.49 -42.14 19.18
CA TYR A 203 20.57 -43.02 18.76
C TYR A 203 21.87 -42.23 18.59
N LEU A 204 21.79 -41.04 18.02
CA LEU A 204 22.98 -40.21 17.87
C LEU A 204 23.55 -39.80 19.23
N ILE A 205 22.66 -39.50 20.18
CA ILE A 205 23.11 -39.13 21.52
C ILE A 205 23.79 -40.31 22.20
N GLN A 206 23.23 -41.51 22.05
CA GLN A 206 23.86 -42.70 22.62
C GLN A 206 25.26 -42.91 22.06
N MET A 207 25.39 -42.89 20.73
CA MET A 207 26.70 -43.11 20.13
C MET A 207 27.68 -42.04 20.57
N LEU A 208 27.23 -40.80 20.74
CA LEU A 208 28.12 -39.74 21.20
C LEU A 208 28.57 -39.99 22.63
N LYS A 209 27.67 -40.45 23.50
CA LYS A 209 28.06 -40.79 24.86
C LYS A 209 28.99 -41.99 24.86
N LYS A 210 28.65 -43.03 24.09
CA LYS A 210 29.50 -44.21 23.98
C LYS A 210 30.89 -43.83 23.50
N ALA A 211 30.99 -42.85 22.60
CA ALA A 211 32.28 -42.41 22.08
C ALA A 211 32.98 -41.41 22.98
N LYS A 212 32.41 -41.10 24.16
CA LYS A 212 33.02 -40.16 25.09
C LYS A 212 33.14 -38.76 24.49
N LEU A 213 32.22 -38.41 23.60
CA LEU A 213 32.18 -37.08 22.99
C LEU A 213 31.08 -36.19 23.55
N TRP A 214 30.16 -36.74 24.35
CA TRP A 214 28.94 -36.03 24.68
C TRP A 214 29.22 -34.70 25.39
N ASN A 215 30.14 -34.69 26.34
CA ASN A 215 30.43 -33.48 27.12
C ASN A 215 31.59 -32.67 26.55
N THR A 216 32.18 -33.11 25.44
CA THR A 216 33.30 -32.44 24.81
C THR A 216 32.93 -31.77 23.51
N LEU A 217 31.68 -31.92 23.06
CA LEU A 217 31.25 -31.56 21.72
C LEU A 217 29.99 -30.71 21.78
N ASN A 218 29.94 -29.68 20.92
CA ASN A 218 28.76 -28.83 20.81
C ASN A 218 27.88 -29.40 19.71
N LEU A 219 26.79 -30.07 20.09
CA LEU A 219 25.85 -30.65 19.16
C LEU A 219 24.77 -29.64 18.83
N ILE A 220 24.51 -29.45 17.53
CA ILE A 220 23.54 -28.47 17.06
C ILE A 220 22.56 -29.20 16.15
N ILE A 221 21.27 -29.14 16.49
CA ILE A 221 20.20 -29.75 15.72
C ILE A 221 19.38 -28.63 15.08
N THR A 222 19.27 -28.64 13.76
CA THR A 222 18.53 -27.60 13.05
C THR A 222 17.92 -28.21 11.80
N SER A 223 17.34 -27.36 10.96
CA SER A 223 16.76 -27.80 9.70
C SER A 223 16.79 -26.62 8.73
N ASP A 224 16.44 -26.91 7.47
CA ASP A 224 16.47 -25.88 6.44
C ASP A 224 15.17 -25.10 6.35
N HIS A 225 14.03 -25.73 6.63
CA HIS A 225 12.72 -25.12 6.40
C HIS A 225 11.67 -26.01 7.05
N GLY A 226 10.43 -25.55 7.00
CA GLY A 226 9.29 -26.29 7.48
C GLY A 226 8.49 -26.90 6.35
N MET A 227 7.17 -26.92 6.53
CA MET A 227 6.26 -27.52 5.56
C MET A 227 4.87 -26.95 5.79
N THR A 228 4.11 -26.86 4.71
CA THR A 228 2.75 -26.36 4.78
C THR A 228 1.84 -27.24 3.91
N GLN A 229 0.57 -27.27 4.26
CA GLN A 229 -0.39 -28.15 3.59
C GLN A 229 -0.81 -27.56 2.24
N CYS A 230 -0.82 -28.40 1.21
CA CYS A 230 -1.35 -28.04 -0.10
C CYS A 230 -2.69 -28.75 -0.31
N SER A 231 -3.37 -28.38 -1.39
CA SER A 231 -4.70 -28.89 -1.63
C SER A 231 -5.02 -28.89 -3.12
N GLU A 232 -5.82 -29.88 -3.53
CA GLU A 232 -6.37 -29.91 -4.88
C GLU A 232 -7.25 -28.69 -5.15
N GLU A 233 -7.72 -28.03 -4.09
CA GLU A 233 -8.53 -26.83 -4.22
C GLU A 233 -7.71 -25.55 -4.24
N ARG A 234 -6.38 -25.64 -4.14
CA ARG A 234 -5.51 -24.48 -4.14
C ARG A 234 -4.40 -24.68 -5.17
N LEU A 235 -4.81 -24.84 -6.43
CA LEU A 235 -3.90 -25.00 -7.55
C LEU A 235 -3.95 -23.78 -8.45
N ILE A 236 -2.83 -23.50 -9.11
CA ILE A 236 -2.71 -22.37 -10.03
C ILE A 236 -2.14 -22.93 -11.33
N GLU A 237 -2.88 -22.78 -12.42
CA GLU A 237 -2.57 -23.45 -13.68
C GLU A 237 -1.97 -22.43 -14.66
N LEU A 238 -0.68 -22.58 -14.96
CA LEU A 238 -0.02 -21.67 -15.89
C LEU A 238 -0.58 -21.80 -17.30
N ASP A 239 -0.98 -23.01 -17.71
CA ASP A 239 -1.52 -23.19 -19.05
C ASP A 239 -2.81 -22.39 -19.24
N GLN A 240 -3.53 -22.10 -18.15
CA GLN A 240 -4.73 -21.29 -18.25
C GLN A 240 -4.41 -19.86 -18.65
N TYR A 241 -3.22 -19.36 -18.30
CA TYR A 241 -2.87 -17.96 -18.52
C TYR A 241 -1.76 -17.74 -19.53
N LEU A 242 -0.99 -18.78 -19.87
CA LEU A 242 0.22 -18.59 -20.67
C LEU A 242 0.33 -19.67 -21.73
N ASP A 243 1.01 -19.32 -22.81
CA ASP A 243 1.37 -20.28 -23.85
C ASP A 243 2.74 -20.86 -23.51
N LYS A 244 2.81 -22.19 -23.39
CA LYS A 244 4.04 -22.81 -22.92
C LYS A 244 5.22 -22.47 -23.82
N ASP A 245 4.96 -22.19 -25.09
CA ASP A 245 6.02 -21.85 -26.04
C ASP A 245 6.51 -20.43 -25.90
N HIS A 246 5.91 -19.63 -25.03
CA HIS A 246 6.31 -18.24 -24.86
C HIS A 246 7.26 -18.04 -23.68
N TYR A 247 7.55 -19.09 -22.92
CA TYR A 247 8.43 -18.94 -21.76
C TYR A 247 9.06 -20.28 -21.44
N THR A 248 10.12 -20.22 -20.63
CA THR A 248 10.77 -21.39 -20.07
C THR A 248 10.63 -21.34 -18.55
N LEU A 249 10.20 -22.44 -17.96
CA LEU A 249 9.99 -22.51 -16.52
C LEU A 249 11.26 -23.07 -15.89
N ILE A 250 12.06 -22.18 -15.30
CA ILE A 250 13.32 -22.61 -14.68
C ILE A 250 13.06 -23.32 -13.37
N ASP A 251 12.21 -22.73 -12.52
CA ASP A 251 11.79 -23.34 -11.28
C ASP A 251 10.27 -23.19 -11.18
N GLN A 252 9.61 -24.18 -10.56
CA GLN A 252 8.17 -24.30 -10.70
C GLN A 252 7.38 -23.70 -9.55
N SER A 253 7.36 -24.37 -8.41
CA SER A 253 6.44 -24.00 -7.32
C SER A 253 7.12 -24.15 -5.97
N PRO A 254 6.73 -23.32 -4.98
CA PRO A 254 5.71 -22.26 -5.04
C PRO A 254 6.24 -20.92 -5.55
N VAL A 255 7.51 -20.86 -5.90
CA VAL A 255 8.12 -19.67 -6.47
C VAL A 255 8.51 -20.00 -7.90
N ALA A 256 7.72 -19.53 -8.85
CA ALA A 256 7.96 -19.81 -10.26
C ALA A 256 8.99 -18.84 -10.81
N ALA A 257 10.10 -19.37 -11.31
CA ALA A 257 11.15 -18.58 -11.95
C ALA A 257 10.97 -18.72 -13.45
N ILE A 258 10.44 -17.66 -14.07
CA ILE A 258 10.00 -17.71 -15.46
C ILE A 258 10.98 -16.90 -16.32
N LEU A 259 11.46 -17.52 -17.40
CA LEU A 259 12.34 -16.88 -18.37
C LEU A 259 11.58 -16.73 -19.69
N PRO A 260 10.99 -15.58 -19.97
CA PRO A 260 10.24 -15.42 -21.22
C PRO A 260 11.15 -15.54 -22.44
N LYS A 261 10.55 -16.01 -23.53
CA LYS A 261 11.27 -16.10 -24.80
C LYS A 261 11.56 -14.69 -25.33
N GLU A 262 12.35 -14.65 -26.39
CA GLU A 262 12.73 -13.36 -26.99
C GLU A 262 11.48 -12.56 -27.35
N GLY A 263 11.37 -11.36 -26.79
CA GLY A 263 10.31 -10.45 -27.12
C GLY A 263 8.97 -10.74 -26.46
N LYS A 264 8.84 -11.82 -25.72
CA LYS A 264 7.57 -12.20 -25.10
C LYS A 264 7.46 -11.76 -23.65
N PHE A 265 8.43 -11.00 -23.12
CA PHE A 265 8.40 -10.65 -21.70
C PHE A 265 7.11 -9.90 -21.35
N ASP A 266 6.81 -8.83 -22.09
CA ASP A 266 5.67 -7.99 -21.74
C ASP A 266 4.37 -8.78 -21.79
N GLU A 267 4.22 -9.63 -22.82
CA GLU A 267 3.03 -10.46 -22.94
C GLU A 267 2.91 -11.40 -21.75
N VAL A 268 4.01 -12.07 -21.40
CA VAL A 268 4.01 -13.00 -20.27
C VAL A 268 3.73 -12.26 -18.97
N TYR A 269 4.46 -11.17 -18.72
CA TYR A 269 4.31 -10.43 -17.47
C TYR A 269 2.88 -9.92 -17.29
N GLU A 270 2.26 -9.41 -18.36
CA GLU A 270 0.90 -8.90 -18.22
C GLU A 270 -0.07 -10.03 -17.90
N ALA A 271 0.07 -11.17 -18.57
CA ALA A 271 -0.85 -12.29 -18.33
C ALA A 271 -0.75 -12.78 -16.89
N LEU A 272 0.45 -12.75 -16.31
CA LEU A 272 0.63 -13.34 -14.98
C LEU A 272 0.19 -12.40 -13.88
N THR A 273 0.30 -11.08 -14.08
CA THR A 273 -0.08 -10.15 -13.03
C THR A 273 -1.58 -10.20 -12.74
N HIS A 274 -2.39 -10.35 -13.79
CA HIS A 274 -3.84 -10.42 -13.66
C HIS A 274 -4.37 -11.86 -13.66
N ALA A 275 -3.49 -12.84 -13.45
CA ALA A 275 -3.89 -14.24 -13.59
C ALA A 275 -4.69 -14.75 -12.40
N HIS A 276 -4.19 -14.54 -11.17
CA HIS A 276 -4.77 -15.19 -10.00
C HIS A 276 -4.62 -14.36 -8.75
N PRO A 277 -5.63 -14.31 -7.87
CA PRO A 277 -5.52 -13.48 -6.66
C PRO A 277 -4.50 -13.99 -5.65
N ASN A 278 -4.06 -15.24 -5.76
CA ASN A 278 -3.09 -15.81 -4.83
C ASN A 278 -1.73 -16.02 -5.48
N LEU A 279 -1.51 -15.44 -6.67
CA LEU A 279 -0.21 -15.43 -7.32
C LEU A 279 0.24 -13.98 -7.48
N THR A 280 1.30 -13.61 -6.76
CA THR A 280 1.89 -12.28 -6.87
C THR A 280 3.12 -12.36 -7.75
N VAL A 281 3.13 -11.55 -8.81
CA VAL A 281 4.20 -11.56 -9.80
C VAL A 281 5.09 -10.34 -9.61
N TYR A 282 6.39 -10.56 -9.56
CA TYR A 282 7.38 -9.50 -9.44
C TYR A 282 8.33 -9.54 -10.63
N LYS A 283 8.63 -8.38 -11.20
CA LYS A 283 9.84 -8.27 -12.00
C LYS A 283 11.05 -8.50 -11.11
N LYS A 284 12.09 -9.08 -11.69
CA LYS A 284 13.32 -9.32 -10.94
C LYS A 284 13.75 -8.08 -10.17
N GLU A 285 13.47 -6.89 -10.71
CA GLU A 285 13.89 -5.65 -10.08
C GLU A 285 12.95 -5.21 -8.98
N ASP A 286 11.74 -5.77 -8.93
CA ASP A 286 10.73 -5.36 -7.97
C ASP A 286 10.58 -6.35 -6.82
N VAL A 287 11.38 -7.41 -6.79
CA VAL A 287 11.29 -8.39 -5.70
C VAL A 287 11.43 -7.68 -4.36
N PRO A 288 10.56 -7.92 -3.38
CA PRO A 288 10.70 -7.27 -2.08
C PRO A 288 12.11 -7.41 -1.52
N GLU A 289 12.62 -6.31 -0.98
CA GLU A 289 13.99 -6.32 -0.46
C GLU A 289 14.13 -7.24 0.74
N ARG A 290 13.07 -7.40 1.53
CA ARG A 290 13.18 -8.21 2.74
C ARG A 290 13.53 -9.66 2.43
N TRP A 291 13.22 -10.14 1.22
CA TRP A 291 13.60 -11.49 0.83
C TRP A 291 15.07 -11.60 0.44
N HIS A 292 15.70 -10.49 0.03
CA HIS A 292 17.09 -10.49 -0.40
C HIS A 292 17.31 -11.54 -1.48
N TYR A 293 16.56 -11.40 -2.56
CA TYR A 293 16.47 -12.41 -3.61
C TYR A 293 16.38 -11.75 -4.97
N LYS A 294 17.28 -10.80 -5.24
CA LYS A 294 17.19 -10.03 -6.48
C LYS A 294 18.55 -9.78 -7.15
N TYR A 295 19.57 -9.42 -6.36
CA TYR A 295 20.86 -9.01 -6.93
C TYR A 295 21.73 -10.23 -7.22
N ASN A 296 21.30 -11.01 -8.21
CA ASN A 296 22.08 -12.13 -8.70
C ASN A 296 21.61 -12.49 -10.10
N SER A 297 22.56 -12.82 -10.97
CA SER A 297 22.24 -13.12 -12.36
C SER A 297 21.38 -14.36 -12.51
N ARG A 298 21.33 -15.22 -11.50
CA ARG A 298 20.53 -16.43 -11.58
C ARG A 298 19.09 -16.22 -11.16
N ILE A 299 18.74 -15.03 -10.69
CA ILE A 299 17.34 -14.67 -10.49
C ILE A 299 16.74 -14.38 -11.87
N GLN A 300 15.69 -15.09 -12.23
CA GLN A 300 15.12 -14.98 -13.57
C GLN A 300 14.35 -13.68 -13.69
N PRO A 301 14.00 -13.28 -14.93
CA PRO A 301 13.34 -11.99 -15.11
C PRO A 301 12.04 -11.84 -14.35
N ILE A 302 11.23 -12.91 -14.27
CA ILE A 302 9.94 -12.87 -13.59
C ILE A 302 9.96 -13.87 -12.45
N ILE A 303 9.48 -13.44 -11.29
CA ILE A 303 9.34 -14.29 -10.11
C ILE A 303 7.88 -14.21 -9.68
N ALA A 304 7.16 -15.32 -9.78
CA ALA A 304 5.76 -15.38 -9.39
C ALA A 304 5.63 -16.25 -8.14
N VAL A 305 5.20 -15.63 -7.04
CA VAL A 305 5.16 -16.27 -5.73
C VAL A 305 3.71 -16.63 -5.40
N ALA A 306 3.48 -17.90 -5.09
CA ALA A 306 2.17 -18.34 -4.65
C ALA A 306 1.99 -18.09 -3.16
N ASP A 307 0.74 -17.85 -2.76
CA ASP A 307 0.46 -17.68 -1.34
C ASP A 307 0.64 -19.00 -0.61
N GLU A 308 0.70 -18.90 0.72
CA GLU A 308 0.89 -20.10 1.54
C GLU A 308 -0.20 -21.11 1.23
N GLY A 309 0.21 -22.37 1.04
CA GLY A 309 -0.72 -23.44 0.77
C GLY A 309 -1.19 -23.52 -0.67
N TRP A 310 -0.72 -22.65 -1.54
CA TRP A 310 -1.08 -22.68 -2.95
C TRP A 310 0.06 -23.27 -3.78
N HIS A 311 -0.30 -24.02 -4.81
CA HIS A 311 0.66 -24.77 -5.62
C HIS A 311 0.52 -24.39 -7.09
N ILE A 312 1.65 -24.18 -7.74
CA ILE A 312 1.71 -23.80 -9.15
C ILE A 312 2.04 -25.05 -9.97
N LEU A 313 1.24 -25.32 -10.99
CA LEU A 313 1.56 -26.36 -11.96
C LEU A 313 1.16 -25.85 -13.35
N GLN A 314 1.82 -26.43 -14.37
CA GLN A 314 1.59 -25.98 -15.74
C GLN A 314 0.26 -26.49 -16.27
N ASN A 315 -0.07 -27.76 -16.02
CA ASN A 315 -1.36 -28.35 -16.37
C ASN A 315 -2.03 -28.84 -15.10
N LYS A 316 -3.33 -28.52 -14.96
CA LYS A 316 -4.05 -28.85 -13.74
C LYS A 316 -4.11 -30.35 -13.48
N SER A 317 -3.89 -31.17 -14.51
CA SER A 317 -3.83 -32.61 -14.33
C SER A 317 -2.50 -33.10 -13.77
N ASP A 318 -1.48 -32.26 -13.77
CA ASP A 318 -0.18 -32.67 -13.28
C ASP A 318 -0.27 -33.12 -11.83
N ASP A 319 0.77 -33.85 -11.40
CA ASP A 319 0.85 -34.32 -10.02
C ASP A 319 1.31 -33.20 -9.09
N PHE A 320 0.90 -33.33 -7.82
CA PHE A 320 1.35 -32.40 -6.80
C PHE A 320 1.37 -33.13 -5.47
N LEU A 321 2.10 -32.54 -4.51
CA LEU A 321 2.30 -33.14 -3.20
C LEU A 321 1.44 -32.45 -2.16
N LEU A 322 1.00 -33.22 -1.17
CA LEU A 322 0.12 -32.67 -0.14
C LEU A 322 0.84 -31.71 0.80
N GLY A 323 2.16 -31.83 0.91
CA GLY A 323 2.95 -30.89 1.68
C GLY A 323 4.02 -30.28 0.79
N ASN A 324 4.32 -29.01 1.03
CA ASN A 324 5.33 -28.33 0.24
C ASN A 324 5.87 -27.13 1.00
N HIS A 325 6.96 -26.58 0.49
CA HIS A 325 7.66 -25.47 1.12
C HIS A 325 8.32 -24.64 0.02
N GLY A 326 8.92 -23.54 0.43
CA GLY A 326 9.49 -22.57 -0.49
C GLY A 326 8.80 -21.22 -0.46
N TYR A 327 7.75 -21.07 0.36
CA TYR A 327 6.98 -19.85 0.41
C TYR A 327 7.75 -18.76 1.15
N ASP A 328 7.11 -17.61 1.27
CA ASP A 328 7.66 -16.46 1.98
C ASP A 328 8.21 -16.88 3.33
N ASN A 329 9.48 -16.52 3.59
CA ASN A 329 10.15 -16.94 4.81
C ASN A 329 9.60 -16.26 6.06
N ALA A 330 8.68 -15.31 5.92
CA ALA A 330 8.00 -14.75 7.07
C ALA A 330 6.95 -15.70 7.63
N LEU A 331 6.49 -16.65 6.82
CA LEU A 331 5.46 -17.59 7.25
C LEU A 331 6.00 -18.53 8.33
N ALA A 332 5.19 -18.75 9.36
CA ALA A 332 5.61 -19.62 10.46
C ALA A 332 5.73 -21.07 10.02
N ASP A 333 4.96 -21.48 9.02
CA ASP A 333 5.06 -22.87 8.54
C ASP A 333 6.40 -23.17 7.91
N MET A 334 7.11 -22.15 7.43
CA MET A 334 8.40 -22.34 6.78
C MET A 334 9.57 -22.28 7.75
N HIS A 335 9.31 -22.11 9.05
CA HIS A 335 10.39 -21.89 10.01
C HIS A 335 10.85 -23.23 10.59
N PRO A 336 12.16 -23.52 10.60
CA PRO A 336 12.63 -24.77 11.19
C PRO A 336 12.94 -24.67 12.68
N ILE A 337 13.44 -25.76 13.24
CA ILE A 337 13.80 -25.83 14.66
C ILE A 337 15.24 -25.35 14.86
N PHE A 338 15.62 -25.11 16.11
CA PHE A 338 17.03 -24.95 16.45
C PHE A 338 17.26 -25.41 17.88
N LEU A 339 18.07 -26.45 18.04
CA LEU A 339 18.48 -26.97 19.34
C LEU A 339 19.99 -27.06 19.38
N ALA A 340 20.54 -27.00 20.59
CA ALA A 340 21.98 -27.18 20.74
C ALA A 340 22.30 -27.59 22.17
N HIS A 341 23.23 -28.53 22.30
CA HIS A 341 23.77 -28.94 23.58
C HIS A 341 25.29 -29.04 23.47
N GLY A 342 25.99 -28.55 24.48
CA GLY A 342 27.43 -28.65 24.52
C GLY A 342 28.05 -27.82 25.61
N PRO A 343 29.36 -27.98 25.80
CA PRO A 343 30.06 -27.20 26.83
C PRO A 343 29.95 -25.70 26.63
N ALA A 344 29.78 -25.23 25.40
CA ALA A 344 29.69 -23.80 25.14
C ALA A 344 28.29 -23.24 25.34
N PHE A 345 27.27 -24.10 25.36
CA PHE A 345 25.88 -23.66 25.36
C PHE A 345 25.29 -23.69 26.75
N ARG A 346 24.42 -22.73 27.03
CA ARG A 346 23.69 -22.69 28.28
C ARG A 346 22.89 -23.97 28.48
N LYS A 347 22.33 -24.12 29.68
CA LYS A 347 21.48 -25.25 30.02
C LYS A 347 20.08 -24.75 30.33
N ASN A 348 19.08 -25.43 29.78
CA ASN A 348 17.68 -25.11 30.02
C ASN A 348 17.38 -23.64 29.71
N PHE A 349 17.87 -23.19 28.56
CA PHE A 349 17.65 -21.83 28.10
C PHE A 349 16.81 -21.86 26.83
N SER A 350 15.99 -20.83 26.65
CA SER A 350 15.13 -20.75 25.48
C SER A 350 15.07 -19.31 24.99
N LYS A 351 14.96 -19.18 23.68
CA LYS A 351 14.92 -17.91 22.98
C LYS A 351 13.75 -17.95 22.02
N GLU A 352 13.13 -16.79 21.82
CA GLU A 352 11.91 -16.74 21.02
C GLU A 352 12.23 -16.95 19.54
N ALA A 353 13.23 -16.26 19.02
CA ALA A 353 13.51 -16.30 17.58
C ALA A 353 15.01 -16.19 17.33
N MET A 354 15.40 -16.61 16.13
CA MET A 354 16.78 -16.51 15.66
C MET A 354 16.76 -16.44 14.14
N ASN A 355 17.65 -15.62 13.58
CA ASN A 355 17.83 -15.54 12.14
C ASN A 355 18.83 -16.60 11.69
N SER A 356 18.44 -17.38 10.67
CA SER A 356 19.29 -18.49 10.22
C SER A 356 20.63 -18.00 9.69
N THR A 357 20.73 -16.74 9.26
CA THR A 357 22.02 -16.19 8.86
C THR A 357 22.97 -16.00 10.02
N ASP A 358 22.49 -16.10 11.26
CA ASP A 358 23.32 -15.93 12.44
C ASP A 358 24.00 -17.22 12.88
N LEU A 359 23.73 -18.35 12.23
CA LEU A 359 24.42 -19.58 12.60
C LEU A 359 25.89 -19.54 12.19
N TYR A 360 26.16 -19.05 10.99
CA TYR A 360 27.55 -19.00 10.49
C TYR A 360 28.46 -18.27 11.45
N PRO A 361 28.19 -17.01 11.83
CA PRO A 361 29.06 -16.35 12.81
C PRO A 361 29.18 -17.11 14.12
N LEU A 362 28.12 -17.80 14.54
CA LEU A 362 28.19 -18.61 15.75
C LEU A 362 29.10 -19.81 15.58
N LEU A 363 28.96 -20.52 14.45
CA LEU A 363 29.81 -21.67 14.20
C LEU A 363 31.29 -21.29 14.16
N CYS A 364 31.60 -20.15 13.54
CA CYS A 364 32.99 -19.72 13.47
C CYS A 364 33.53 -19.35 14.85
N HIS A 365 32.72 -18.65 15.64
CA HIS A 365 33.12 -18.33 17.01
C HIS A 365 33.39 -19.59 17.82
N LEU A 366 32.50 -20.58 17.70
CA LEU A 366 32.71 -21.84 18.41
C LEU A 366 33.98 -22.54 17.94
N LEU A 367 34.29 -22.45 16.65
CA LEU A 367 35.46 -23.11 16.09
C LEU A 367 36.73 -22.27 16.18
N ASN A 368 36.64 -21.03 16.66
CA ASN A 368 37.79 -20.16 16.79
C ASN A 368 38.46 -19.89 15.44
N ILE A 369 37.66 -19.83 14.37
CA ILE A 369 38.15 -19.48 13.05
C ILE A 369 37.55 -18.15 12.64
N THR A 370 38.16 -17.51 11.65
CA THR A 370 37.74 -16.19 11.20
C THR A 370 36.65 -16.33 10.14
N ALA A 371 35.54 -15.63 10.35
CA ALA A 371 34.42 -15.70 9.43
C ALA A 371 34.65 -14.86 8.20
N MET A 372 34.16 -15.36 7.06
CA MET A 372 34.06 -14.54 5.87
C MET A 372 33.01 -13.46 6.10
N PRO A 373 33.01 -12.41 5.28
CA PRO A 373 31.91 -11.44 5.36
C PRO A 373 30.57 -12.11 5.12
N HIS A 374 29.60 -11.82 5.99
CA HIS A 374 28.31 -12.48 5.97
C HIS A 374 27.22 -11.47 6.33
N ASN A 375 25.97 -11.94 6.34
CA ASN A 375 24.81 -11.10 6.58
C ASN A 375 24.20 -11.32 7.96
N GLY A 376 24.85 -12.09 8.82
CA GLY A 376 24.38 -12.30 10.17
C GLY A 376 25.19 -11.50 11.18
N SER A 377 24.81 -11.64 12.44
CA SER A 377 25.48 -10.97 13.55
C SER A 377 25.69 -11.98 14.66
N PHE A 378 26.94 -12.12 15.11
CA PHE A 378 27.22 -12.96 16.25
C PHE A 378 26.51 -12.47 17.50
N TRP A 379 26.28 -11.16 17.59
CA TRP A 379 25.72 -10.59 18.81
C TRP A 379 24.26 -10.97 19.00
N ASN A 380 23.53 -11.22 17.90
CA ASN A 380 22.14 -11.66 18.01
C ASN A 380 22.02 -12.97 18.77
N VAL A 381 23.05 -13.82 18.71
CA VAL A 381 22.96 -15.20 19.21
C VAL A 381 23.95 -15.48 20.32
N GLN A 382 24.65 -14.46 20.82
CA GLN A 382 25.64 -14.71 21.86
C GLN A 382 25.02 -15.09 23.19
N ASP A 383 23.75 -14.74 23.42
CA ASP A 383 23.10 -15.13 24.67
C ASP A 383 22.79 -16.62 24.73
N LEU A 384 23.10 -17.38 23.68
CA LEU A 384 23.02 -18.83 23.75
C LEU A 384 24.24 -19.44 24.44
N LEU A 385 25.28 -18.65 24.68
CA LEU A 385 26.55 -19.16 25.17
C LEU A 385 26.74 -18.82 26.64
N ASN A 386 27.56 -19.63 27.32
CA ASN A 386 27.91 -19.38 28.72
C ASN A 386 28.72 -18.10 28.91
N SER A 387 29.41 -17.62 27.89
CA SER A 387 30.21 -16.41 28.01
C SER A 387 30.01 -15.51 26.80
N HIS B 5 25.03 11.72 -30.72
CA HIS B 5 25.16 11.09 -29.41
C HIS B 5 24.60 11.99 -28.30
N HIS B 6 23.89 11.37 -27.36
CA HIS B 6 23.38 12.06 -26.18
C HIS B 6 23.70 11.23 -24.95
N HIS B 7 24.11 11.91 -23.87
CA HIS B 7 24.42 11.21 -22.63
C HIS B 7 23.17 10.62 -22.02
N HIS B 8 22.13 11.43 -21.83
CA HIS B 8 20.83 10.92 -21.47
C HIS B 8 20.14 10.35 -22.72
N LYS B 9 19.07 9.59 -22.48
CA LYS B 9 18.28 9.02 -23.56
C LYS B 9 16.99 9.82 -23.74
N LEU B 10 16.63 10.09 -24.98
CA LEU B 10 15.44 10.87 -25.29
C LEU B 10 14.19 10.00 -25.17
N PRO B 11 13.04 10.60 -24.90
CA PRO B 11 11.80 9.81 -24.83
C PRO B 11 11.38 9.29 -26.20
N ASP B 12 10.65 8.18 -26.18
CA ASP B 12 9.91 7.70 -27.32
C ASP B 12 8.43 7.89 -27.03
N GLN B 13 8.02 9.16 -27.03
CA GLN B 13 6.73 9.62 -26.54
C GLN B 13 5.56 9.16 -27.39
N GLN B 14 5.40 7.85 -27.56
CA GLN B 14 4.28 7.30 -28.32
C GLN B 14 3.04 7.30 -27.43
N LYS B 15 2.48 8.49 -27.24
CA LYS B 15 1.27 8.67 -26.43
C LYS B 15 0.13 9.23 -27.26
N VAL B 16 -1.08 8.82 -26.91
CA VAL B 16 -2.29 9.20 -27.62
C VAL B 16 -3.39 9.51 -26.62
N LEU B 17 -4.12 10.60 -26.86
CA LEU B 17 -5.38 10.88 -26.18
C LEU B 17 -6.46 10.92 -27.25
N LEU B 18 -7.37 9.96 -27.19
CA LEU B 18 -8.45 9.84 -28.16
C LEU B 18 -9.73 10.37 -27.54
N VAL B 19 -10.25 11.46 -28.11
CA VAL B 19 -11.44 12.14 -27.59
C VAL B 19 -12.58 11.97 -28.60
N SER B 20 -13.75 11.60 -28.10
CA SER B 20 -14.95 11.50 -28.92
C SER B 20 -16.03 12.39 -28.36
N PHE B 21 -16.55 13.28 -29.19
CA PHE B 21 -17.75 14.05 -28.90
C PHE B 21 -18.90 13.40 -29.66
N ASP B 22 -19.77 12.71 -28.95
CA ASP B 22 -20.81 11.90 -29.59
C ASP B 22 -21.66 12.74 -30.52
N GLY B 23 -21.80 12.27 -31.76
CA GLY B 23 -22.72 12.88 -32.71
C GLY B 23 -22.26 14.23 -33.22
N PHE B 24 -20.96 14.42 -33.42
CA PHE B 24 -20.43 15.69 -33.92
C PHE B 24 -20.33 15.59 -35.43
N ARG B 25 -21.33 16.12 -36.12
CA ARG B 25 -21.36 16.06 -37.57
C ARG B 25 -20.22 16.88 -38.16
N TRP B 26 -19.77 16.47 -39.34
CA TRP B 26 -18.56 17.03 -39.92
C TRP B 26 -18.66 18.54 -40.12
N ASP B 27 -19.85 19.06 -40.37
CA ASP B 27 -20.02 20.47 -40.73
C ASP B 27 -20.37 21.36 -39.54
N TYR B 28 -20.52 20.80 -38.34
CA TYR B 28 -20.74 21.63 -37.16
C TYR B 28 -19.61 22.63 -36.98
N LEU B 29 -18.41 22.31 -37.48
CA LEU B 29 -17.28 23.23 -37.36
C LEU B 29 -17.57 24.59 -37.97
N TYR B 30 -18.51 24.65 -38.91
CA TYR B 30 -18.79 25.85 -39.68
C TYR B 30 -20.15 26.48 -39.35
N LYS B 31 -20.96 25.84 -38.51
CA LYS B 31 -22.22 26.45 -38.09
C LYS B 31 -21.98 27.69 -37.24
N VAL B 32 -20.92 27.68 -36.43
CA VAL B 32 -20.61 28.79 -35.54
C VAL B 32 -19.09 28.99 -35.51
N PRO B 33 -18.60 30.06 -34.90
CA PRO B 33 -17.16 30.16 -34.69
C PRO B 33 -16.67 29.06 -33.76
N THR B 34 -15.63 28.36 -34.20
CA THR B 34 -15.03 27.27 -33.43
C THR B 34 -13.52 27.53 -33.37
N PRO B 35 -13.11 28.53 -32.60
CA PRO B 35 -11.69 28.93 -32.64
C PRO B 35 -10.75 27.83 -32.18
N HIS B 36 -11.10 27.07 -31.15
CA HIS B 36 -10.22 26.02 -30.66
C HIS B 36 -10.11 24.87 -31.66
N PHE B 37 -11.22 24.53 -32.33
CA PHE B 37 -11.15 23.52 -33.37
C PHE B 37 -10.27 23.99 -34.52
N HIS B 38 -10.37 25.26 -34.90
CA HIS B 38 -9.51 25.79 -35.96
C HIS B 38 -8.08 25.97 -35.46
N TYR B 39 -7.90 26.18 -34.15
CA TYR B 39 -6.56 26.24 -33.59
C TYR B 39 -5.83 24.92 -33.81
N ILE B 40 -6.50 23.80 -33.52
CA ILE B 40 -5.91 22.49 -33.78
C ILE B 40 -5.68 22.31 -35.28
N MET B 41 -6.64 22.72 -36.11
CA MET B 41 -6.45 22.67 -37.55
C MET B 41 -5.20 23.43 -37.96
N LYS B 42 -4.95 24.59 -37.33
CA LYS B 42 -3.82 25.42 -37.72
C LYS B 42 -2.49 24.72 -37.45
N TYR B 43 -2.39 24.02 -36.33
CA TYR B 43 -1.16 23.33 -35.94
C TYR B 43 -1.32 21.81 -35.95
N GLY B 44 -2.28 21.30 -36.72
CA GLY B 44 -2.51 19.86 -36.79
C GLY B 44 -3.11 19.43 -38.11
N VAL B 45 -3.72 18.25 -38.13
CA VAL B 45 -4.34 17.70 -39.33
C VAL B 45 -5.85 17.76 -39.17
N HIS B 46 -6.55 17.77 -40.30
CA HIS B 46 -8.00 17.87 -40.33
C HIS B 46 -8.52 17.13 -41.54
N VAL B 47 -9.52 16.26 -41.32
CA VAL B 47 -10.19 15.53 -42.39
C VAL B 47 -11.57 16.13 -42.58
N LYS B 48 -11.92 16.43 -43.83
CA LYS B 48 -13.18 17.10 -44.11
C LYS B 48 -14.38 16.23 -43.67
N GLN B 49 -14.36 14.96 -44.07
CA GLN B 49 -15.46 14.06 -43.73
C GLN B 49 -14.90 12.66 -43.50
N VAL B 50 -15.35 12.03 -42.42
CA VAL B 50 -14.99 10.65 -42.11
C VAL B 50 -16.14 9.76 -42.51
N THR B 51 -15.83 8.67 -43.21
CA THR B 51 -16.82 7.64 -43.52
C THR B 51 -16.81 6.61 -42.41
N ASN B 52 -17.88 6.58 -41.63
CA ASN B 52 -17.99 5.67 -40.50
C ASN B 52 -18.65 4.37 -40.97
N VAL B 53 -18.98 3.48 -40.05
CA VAL B 53 -19.51 2.17 -40.39
C VAL B 53 -21.02 2.14 -40.20
N PHE B 54 -21.66 1.20 -40.88
CA PHE B 54 -23.09 0.99 -40.80
C PHE B 54 -23.38 -0.14 -39.79
N ILE B 55 -24.39 -0.02 -38.93
CA ILE B 55 -25.23 1.17 -38.80
C ILE B 55 -24.48 2.29 -38.09
N THR B 56 -24.84 3.54 -38.39
CA THR B 56 -24.15 4.71 -37.83
C THR B 56 -24.72 5.06 -36.44
N LYS B 57 -24.58 4.13 -35.52
CA LYS B 57 -25.00 4.31 -34.14
C LYS B 57 -23.78 4.42 -33.22
N THR B 58 -24.05 4.75 -31.96
CA THR B 58 -22.99 5.12 -31.03
C THR B 58 -22.04 3.95 -30.76
N TYR B 59 -22.57 2.85 -30.26
CA TYR B 59 -21.72 1.75 -29.78
C TYR B 59 -21.03 1.00 -30.92
N PRO B 60 -21.73 0.68 -32.01
CA PRO B 60 -21.02 0.05 -33.13
C PRO B 60 -19.81 0.82 -33.60
N ASN B 61 -19.91 2.15 -33.68
CA ASN B 61 -18.84 2.95 -34.26
C ASN B 61 -17.71 3.21 -33.27
N HIS B 62 -18.03 3.36 -31.98
CA HIS B 62 -16.96 3.52 -30.99
C HIS B 62 -16.11 2.26 -30.92
N TYR B 63 -16.72 1.09 -31.06
CA TYR B 63 -15.96 -0.15 -31.02
C TYR B 63 -15.13 -0.32 -32.30
N THR B 64 -15.64 0.19 -33.43
CA THR B 64 -14.85 0.18 -34.66
C THR B 64 -13.60 1.03 -34.52
N LEU B 65 -13.70 2.17 -33.83
CA LEU B 65 -12.56 3.06 -33.69
C LEU B 65 -11.43 2.38 -32.90
N VAL B 66 -11.78 1.49 -31.96
CA VAL B 66 -10.79 0.84 -31.12
C VAL B 66 -10.51 -0.60 -31.55
N THR B 67 -11.03 -1.01 -32.71
CA THR B 67 -10.75 -2.34 -33.24
C THR B 67 -10.40 -2.36 -34.72
N GLY B 68 -10.81 -1.36 -35.51
CA GLY B 68 -10.54 -1.38 -36.94
C GLY B 68 -11.37 -2.38 -37.72
N LEU B 69 -12.47 -2.84 -37.15
CA LEU B 69 -13.30 -3.87 -37.76
C LEU B 69 -14.67 -3.33 -38.12
N PHE B 70 -15.26 -3.89 -39.18
CA PHE B 70 -16.64 -3.59 -39.50
C PHE B 70 -17.56 -4.11 -38.38
N ALA B 71 -18.80 -3.64 -38.40
CA ALA B 71 -19.73 -3.98 -37.33
C ALA B 71 -20.01 -5.47 -37.29
N GLU B 72 -20.12 -6.10 -38.45
CA GLU B 72 -20.42 -7.53 -38.50
C GLU B 72 -19.30 -8.35 -37.90
N ASN B 73 -18.07 -7.82 -37.91
CA ASN B 73 -16.91 -8.55 -37.44
C ASN B 73 -16.65 -8.37 -35.94
N HIS B 74 -16.74 -7.15 -35.42
CA HIS B 74 -16.46 -6.96 -33.99
C HIS B 74 -17.66 -7.25 -33.11
N GLY B 75 -18.86 -7.36 -33.67
CA GLY B 75 -19.98 -7.96 -32.99
C GLY B 75 -20.94 -7.00 -32.32
N ILE B 76 -20.53 -5.76 -32.08
CA ILE B 76 -21.45 -4.74 -31.53
C ILE B 76 -22.19 -4.15 -32.72
N VAL B 77 -23.20 -4.89 -33.18
CA VAL B 77 -23.90 -4.49 -34.40
C VAL B 77 -24.91 -3.36 -34.17
N ALA B 78 -25.34 -3.14 -32.93
CA ALA B 78 -26.33 -2.12 -32.66
C ALA B 78 -26.31 -1.78 -31.17
N ASN B 79 -26.93 -0.65 -30.84
CA ASN B 79 -27.14 -0.30 -29.44
C ASN B 79 -28.13 -1.25 -28.78
N ASP B 80 -28.99 -1.89 -29.56
CA ASP B 80 -29.93 -2.90 -29.08
C ASP B 80 -29.84 -4.09 -30.01
N MET B 81 -29.54 -5.26 -29.45
CA MET B 81 -29.39 -6.45 -30.26
C MET B 81 -29.71 -7.69 -29.42
N PHE B 82 -30.12 -8.74 -30.12
CA PHE B 82 -30.48 -10.01 -29.49
C PHE B 82 -29.58 -11.10 -30.06
N ASP B 83 -28.95 -11.86 -29.17
CA ASP B 83 -28.06 -12.94 -29.56
C ASP B 83 -28.84 -14.25 -29.66
N PRO B 84 -29.14 -14.73 -30.86
CA PRO B 84 -29.94 -15.97 -30.96
C PRO B 84 -29.16 -17.21 -30.56
N ILE B 85 -27.84 -17.21 -30.72
CA ILE B 85 -27.05 -18.40 -30.39
C ILE B 85 -26.98 -18.59 -28.88
N ARG B 86 -27.05 -17.51 -28.11
CA ARG B 86 -26.95 -17.58 -26.66
C ARG B 86 -28.23 -17.17 -25.96
N ASN B 87 -29.24 -16.71 -26.70
CA ASN B 87 -30.51 -16.31 -26.11
C ASN B 87 -30.29 -15.29 -24.99
N LYS B 88 -29.48 -14.28 -25.30
CA LYS B 88 -29.21 -13.16 -24.40
C LYS B 88 -29.43 -11.86 -25.14
N SER B 89 -29.78 -10.82 -24.38
CA SER B 89 -30.14 -9.53 -24.95
C SER B 89 -29.17 -8.45 -24.47
N PHE B 90 -28.88 -7.52 -25.37
CA PHE B 90 -28.00 -6.39 -25.11
C PHE B 90 -28.77 -5.10 -25.39
N SER B 91 -28.76 -4.19 -24.42
CA SER B 91 -29.47 -2.93 -24.58
C SER B 91 -28.70 -1.84 -23.86
N LEU B 92 -28.64 -0.67 -24.49
CA LEU B 92 -27.97 0.48 -23.89
C LEU B 92 -28.91 1.35 -23.07
N ASP B 93 -30.19 1.39 -23.43
CA ASP B 93 -31.13 2.25 -22.72
C ASP B 93 -31.20 1.89 -21.24
N HIS B 94 -31.18 0.60 -20.92
CA HIS B 94 -31.17 0.13 -19.54
C HIS B 94 -29.77 -0.10 -19.02
N MET B 95 -28.75 0.36 -19.75
CA MET B 95 -27.34 0.08 -19.43
C MET B 95 -27.10 -1.41 -19.23
N ASN B 96 -27.86 -2.23 -19.95
CA ASN B 96 -27.64 -3.68 -19.97
C ASN B 96 -26.58 -4.00 -21.02
N ILE B 97 -25.34 -3.62 -20.69
CA ILE B 97 -24.22 -3.71 -21.62
C ILE B 97 -23.06 -4.53 -21.08
N TYR B 98 -23.20 -5.13 -19.90
CA TYR B 98 -22.07 -5.71 -19.19
C TYR B 98 -21.95 -7.22 -19.40
N ASP B 99 -22.63 -7.75 -20.41
CA ASP B 99 -22.45 -9.14 -20.81
C ASP B 99 -21.20 -9.22 -21.69
N SER B 100 -20.10 -9.66 -21.09
CA SER B 100 -18.81 -9.66 -21.79
C SER B 100 -18.87 -10.43 -23.10
N LYS B 101 -19.75 -11.43 -23.21
CA LYS B 101 -19.81 -12.23 -24.42
C LYS B 101 -20.13 -11.38 -25.63
N PHE B 102 -20.84 -10.27 -25.44
CA PHE B 102 -21.23 -9.42 -26.55
C PHE B 102 -20.04 -8.69 -27.15
N TRP B 103 -19.03 -8.37 -26.34
CA TRP B 103 -17.88 -7.62 -26.80
C TRP B 103 -16.71 -8.49 -27.25
N GLU B 104 -16.74 -9.79 -26.95
CA GLU B 104 -15.55 -10.63 -27.03
C GLU B 104 -15.30 -11.19 -28.43
N GLU B 105 -16.08 -10.80 -29.43
CA GLU B 105 -15.77 -11.17 -30.80
C GLU B 105 -14.61 -10.34 -31.37
N ALA B 106 -14.11 -9.37 -30.62
CA ALA B 106 -12.94 -8.60 -31.01
C ALA B 106 -12.17 -8.21 -29.75
N THR B 107 -11.02 -7.60 -29.96
CA THR B 107 -10.16 -7.17 -28.86
C THR B 107 -9.94 -5.66 -28.94
N PRO B 108 -10.49 -4.87 -28.01
CA PRO B 108 -10.26 -3.42 -28.08
C PRO B 108 -8.77 -3.09 -27.92
N ILE B 109 -8.40 -1.89 -28.37
CA ILE B 109 -7.00 -1.54 -28.48
C ILE B 109 -6.34 -1.46 -27.11
N TRP B 110 -7.07 -1.08 -26.06
CA TRP B 110 -6.45 -0.94 -24.76
C TRP B 110 -5.97 -2.27 -24.20
N ILE B 111 -6.61 -3.38 -24.58
CA ILE B 111 -6.08 -4.69 -24.21
C ILE B 111 -4.77 -4.95 -24.93
N THR B 112 -4.76 -4.81 -26.25
CA THR B 112 -3.52 -4.98 -27.01
C THR B 112 -2.43 -4.06 -26.46
N ASN B 113 -2.80 -2.82 -26.11
CA ASN B 113 -1.85 -1.90 -25.52
C ASN B 113 -1.23 -2.46 -24.25
N GLN B 114 -2.07 -3.02 -23.37
CA GLN B 114 -1.58 -3.50 -22.08
C GLN B 114 -0.81 -4.80 -22.23
N ARG B 115 -1.17 -5.63 -23.21
CA ARG B 115 -0.40 -6.83 -23.49
C ARG B 115 1.01 -6.49 -23.98
N ALA B 116 1.22 -5.27 -24.47
CA ALA B 116 2.54 -4.83 -24.90
C ALA B 116 3.32 -4.13 -23.80
N GLY B 117 2.81 -4.15 -22.57
CA GLY B 117 3.52 -3.60 -21.43
C GLY B 117 3.12 -2.20 -21.04
N HIS B 118 2.20 -1.57 -21.76
CA HIS B 118 1.77 -0.22 -21.47
C HIS B 118 0.53 -0.24 -20.58
N THR B 119 0.05 0.94 -20.22
CA THR B 119 -1.19 1.09 -19.48
C THR B 119 -2.12 2.05 -20.20
N SER B 120 -3.42 1.87 -20.00
CA SER B 120 -4.43 2.67 -20.67
C SER B 120 -5.36 3.30 -19.64
N GLY B 121 -5.87 4.47 -19.98
CA GLY B 121 -6.83 5.16 -19.13
C GLY B 121 -8.08 5.56 -19.90
N ALA B 122 -9.24 5.30 -19.32
CA ALA B 122 -10.52 5.54 -19.99
C ALA B 122 -11.39 6.45 -19.14
N ALA B 123 -12.09 7.37 -19.82
CA ALA B 123 -12.98 8.33 -19.16
C ALA B 123 -14.33 8.28 -19.89
N MET B 124 -15.11 7.24 -19.60
CA MET B 124 -16.49 7.09 -20.05
C MET B 124 -16.60 6.62 -21.50
N TRP B 125 -15.50 6.22 -22.13
CA TRP B 125 -15.58 5.73 -23.50
C TRP B 125 -16.38 4.42 -23.53
N PRO B 126 -17.30 4.25 -24.48
CA PRO B 126 -18.12 3.04 -24.49
C PRO B 126 -17.30 1.75 -24.43
N GLY B 127 -17.66 0.89 -23.47
CA GLY B 127 -17.02 -0.41 -23.32
C GLY B 127 -15.84 -0.44 -22.37
N THR B 128 -15.35 0.71 -21.92
CA THR B 128 -14.17 0.75 -21.07
C THR B 128 -14.46 0.41 -19.62
N ASP B 129 -15.74 0.41 -19.20
CA ASP B 129 -16.12 -0.11 -17.89
C ASP B 129 -16.74 -1.50 -18.01
N VAL B 130 -16.44 -2.22 -19.09
CA VAL B 130 -16.93 -3.57 -19.32
C VAL B 130 -15.73 -4.51 -19.28
N LYS B 131 -15.90 -5.67 -18.66
CA LYS B 131 -14.84 -6.66 -18.58
C LYS B 131 -14.79 -7.40 -19.91
N ILE B 132 -13.72 -7.24 -20.66
CA ILE B 132 -13.56 -7.88 -21.95
C ILE B 132 -12.29 -8.73 -21.90
N HIS B 133 -12.40 -9.97 -22.36
CA HIS B 133 -11.27 -10.90 -22.33
C HIS B 133 -10.63 -10.92 -20.94
N LYS B 134 -11.47 -10.86 -19.92
CA LYS B 134 -11.03 -10.92 -18.52
C LYS B 134 -10.15 -9.72 -18.14
N ARG B 135 -10.35 -8.58 -18.80
CA ARG B 135 -9.52 -7.41 -18.55
C ARG B 135 -10.37 -6.15 -18.57
N PHE B 136 -9.89 -5.14 -17.86
CA PHE B 136 -10.37 -3.78 -17.94
C PHE B 136 -9.23 -2.92 -18.47
N PRO B 137 -9.50 -1.68 -18.88
CA PRO B 137 -8.39 -0.74 -19.05
C PRO B 137 -7.70 -0.53 -17.71
N THR B 138 -6.39 -0.30 -17.76
CA THR B 138 -5.62 -0.16 -16.52
C THR B 138 -6.32 0.79 -15.56
N HIS B 139 -6.81 1.91 -16.06
CA HIS B 139 -7.64 2.81 -15.30
C HIS B 139 -8.89 3.11 -16.11
N TYR B 140 -10.02 3.26 -15.43
CA TYR B 140 -11.27 3.56 -16.12
C TYR B 140 -12.26 4.11 -15.10
N MET B 141 -13.33 4.70 -15.62
CA MET B 141 -14.39 5.21 -14.78
C MET B 141 -15.66 4.40 -15.01
N PRO B 142 -16.41 4.06 -13.97
CA PRO B 142 -17.74 3.50 -14.20
C PRO B 142 -18.60 4.52 -14.91
N TYR B 143 -19.34 4.07 -15.93
CA TYR B 143 -20.10 5.03 -16.72
C TYR B 143 -21.16 5.71 -15.87
N ASN B 144 -21.20 7.04 -15.96
CA ASN B 144 -22.17 7.84 -15.22
C ASN B 144 -22.29 9.16 -15.98
N GLU B 145 -23.36 9.29 -16.78
CA GLU B 145 -23.53 10.44 -17.66
C GLU B 145 -23.45 11.76 -16.92
N SER B 146 -23.67 11.76 -15.60
CA SER B 146 -23.71 13.02 -14.85
C SER B 146 -22.32 13.59 -14.60
N VAL B 147 -21.29 12.74 -14.57
CA VAL B 147 -19.93 13.22 -14.31
C VAL B 147 -19.58 14.30 -15.33
N SER B 148 -19.19 15.47 -14.83
CA SER B 148 -18.94 16.62 -15.70
C SER B 148 -17.75 16.34 -16.62
N PHE B 149 -17.66 17.15 -17.68
CA PHE B 149 -16.52 17.06 -18.59
C PHE B 149 -15.22 17.38 -17.86
N GLU B 150 -15.26 18.36 -16.97
CA GLU B 150 -14.03 18.77 -16.28
C GLU B 150 -13.51 17.66 -15.38
N ASP B 151 -14.41 16.90 -14.74
CA ASP B 151 -13.97 15.78 -13.91
C ASP B 151 -13.37 14.68 -14.76
N ARG B 152 -13.96 14.41 -15.92
CA ARG B 152 -13.42 13.38 -16.81
C ARG B 152 -12.03 13.76 -17.31
N VAL B 153 -11.84 15.02 -17.68
CA VAL B 153 -10.52 15.48 -18.10
C VAL B 153 -9.53 15.32 -16.95
N ALA B 154 -9.98 15.58 -15.73
CA ALA B 154 -9.08 15.50 -14.57
C ALA B 154 -8.47 14.12 -14.46
N LYS B 155 -9.28 13.07 -14.61
CA LYS B 155 -8.74 11.72 -14.47
C LYS B 155 -7.74 11.41 -15.59
N ILE B 156 -8.01 11.90 -16.80
CA ILE B 156 -7.08 11.68 -17.91
C ILE B 156 -5.75 12.36 -17.62
N ILE B 157 -5.80 13.64 -17.21
CA ILE B 157 -4.59 14.35 -16.86
C ILE B 157 -3.85 13.63 -15.74
N GLU B 158 -4.59 13.21 -14.71
CA GLU B 158 -3.98 12.51 -13.58
C GLU B 158 -3.20 11.28 -14.05
N TRP B 159 -3.82 10.45 -14.88
CA TRP B 159 -3.19 9.19 -15.27
C TRP B 159 -1.99 9.42 -16.19
N PHE B 160 -1.98 10.52 -16.94
CA PHE B 160 -0.84 10.82 -17.80
C PHE B 160 0.35 11.38 -17.03
N THR B 161 0.12 11.97 -15.85
CA THR B 161 1.18 12.61 -15.08
C THR B 161 1.58 11.81 -13.84
N SER B 162 1.02 10.62 -13.65
CA SER B 162 1.37 9.82 -12.48
C SER B 162 2.78 9.26 -12.62
N LYS B 163 3.29 8.68 -11.53
CA LYS B 163 4.60 8.07 -11.58
C LYS B 163 4.64 6.90 -12.57
N GLU B 164 3.58 6.10 -12.61
CA GLU B 164 3.42 5.13 -13.70
C GLU B 164 2.35 5.69 -14.65
N PRO B 165 2.73 6.27 -15.80
CA PRO B 165 1.73 6.95 -16.62
C PRO B 165 1.19 6.11 -17.77
N ILE B 166 -0.05 6.40 -18.17
CA ILE B 166 -0.63 5.76 -19.34
C ILE B 166 -0.02 6.35 -20.61
N ASN B 167 -0.05 5.55 -21.68
CA ASN B 167 0.28 6.05 -23.00
C ASN B 167 -0.94 6.23 -23.90
N LEU B 168 -2.08 5.66 -23.52
CA LEU B 168 -3.32 5.79 -24.29
C LEU B 168 -4.43 6.25 -23.36
N GLY B 169 -5.13 7.30 -23.76
CA GLY B 169 -6.26 7.79 -23.00
C GLY B 169 -7.49 7.91 -23.87
N LEU B 170 -8.63 7.49 -23.32
CA LEU B 170 -9.92 7.56 -23.99
C LEU B 170 -10.82 8.52 -23.24
N LEU B 171 -11.31 9.54 -23.93
CA LEU B 171 -12.21 10.52 -23.33
C LEU B 171 -13.46 10.62 -24.18
N TYR B 172 -14.63 10.65 -23.52
CA TYR B 172 -15.91 10.60 -24.20
C TYR B 172 -16.88 11.59 -23.58
N TRP B 173 -17.74 12.15 -24.41
CA TRP B 173 -18.74 13.13 -23.99
C TRP B 173 -20.01 12.91 -24.80
N GLU B 174 -21.16 13.10 -24.15
CA GLU B 174 -22.44 12.73 -24.72
C GLU B 174 -23.02 13.77 -25.68
N ASP B 175 -22.42 14.96 -25.76
CA ASP B 175 -22.90 15.99 -26.67
C ASP B 175 -21.91 16.17 -27.83
N PRO B 176 -22.38 16.67 -28.98
CA PRO B 176 -23.73 17.21 -29.23
C PRO B 176 -24.76 16.20 -29.72
N ASP B 177 -24.54 14.90 -29.51
CA ASP B 177 -25.53 13.91 -29.94
C ASP B 177 -26.86 14.14 -29.22
N ASP B 178 -26.80 14.28 -27.89
CA ASP B 178 -28.02 14.44 -27.10
C ASP B 178 -28.83 15.64 -27.55
N MET B 179 -28.19 16.82 -27.61
CA MET B 179 -28.94 18.02 -27.97
C MET B 179 -29.37 17.99 -29.43
N GLY B 180 -28.51 17.49 -30.32
CA GLY B 180 -28.91 17.32 -31.71
C GLY B 180 -30.15 16.47 -31.85
N HIS B 181 -30.33 15.49 -30.97
CA HIS B 181 -31.53 14.66 -31.02
C HIS B 181 -32.78 15.48 -30.70
N HIS B 182 -32.78 16.18 -29.57
CA HIS B 182 -34.00 16.84 -29.11
C HIS B 182 -34.29 18.12 -29.89
N LEU B 183 -33.24 18.83 -30.32
CA LEU B 183 -33.41 20.07 -31.07
C LEU B 183 -33.51 19.82 -32.58
N GLY B 184 -32.74 18.86 -33.09
CA GLY B 184 -32.59 18.68 -34.52
C GLY B 184 -31.40 19.47 -35.01
N PRO B 185 -30.58 18.89 -35.88
CA PRO B 185 -29.35 19.58 -36.31
C PRO B 185 -29.60 20.91 -37.00
N ASP B 186 -30.81 21.13 -37.52
CA ASP B 186 -31.10 22.40 -38.21
C ASP B 186 -31.44 23.53 -37.25
N SER B 187 -31.75 23.22 -35.99
CA SER B 187 -32.19 24.24 -35.06
C SER B 187 -31.09 25.28 -34.85
N PRO B 188 -31.43 26.58 -34.84
CA PRO B 188 -30.42 27.59 -34.47
C PRO B 188 -29.95 27.47 -33.03
N LEU B 189 -30.69 26.77 -32.17
CA LEU B 189 -30.24 26.54 -30.81
C LEU B 189 -29.03 25.62 -30.75
N MET B 190 -28.67 24.96 -31.85
CA MET B 190 -27.47 24.13 -31.88
C MET B 190 -26.20 24.96 -31.80
N GLY B 191 -26.25 26.22 -32.21
CA GLY B 191 -25.09 27.07 -32.19
C GLY B 191 -24.46 27.14 -30.82
N PRO B 192 -25.24 27.57 -29.82
CA PRO B 192 -24.74 27.53 -28.44
C PRO B 192 -24.24 26.18 -28.00
N VAL B 193 -24.83 25.09 -28.51
CA VAL B 193 -24.36 23.75 -28.14
C VAL B 193 -22.99 23.49 -28.74
N ILE B 194 -22.82 23.79 -30.03
CA ILE B 194 -21.54 23.58 -30.69
C ILE B 194 -20.48 24.48 -30.08
N SER B 195 -20.82 25.75 -29.84
CA SER B 195 -19.86 26.66 -29.22
C SER B 195 -19.43 26.14 -27.85
N ASP B 196 -20.35 25.54 -27.10
CA ASP B 196 -19.99 24.96 -25.81
C ASP B 196 -18.97 23.84 -25.98
N ILE B 197 -19.13 23.02 -27.03
CA ILE B 197 -18.16 21.96 -27.28
C ILE B 197 -16.80 22.53 -27.62
N ASP B 198 -16.78 23.63 -28.39
CA ASP B 198 -15.51 24.30 -28.67
C ASP B 198 -14.89 24.83 -27.39
N LYS B 199 -15.72 25.39 -26.51
CA LYS B 199 -15.22 25.83 -25.20
C LYS B 199 -14.66 24.66 -24.41
N LYS B 200 -15.30 23.49 -24.50
CA LYS B 200 -14.82 22.32 -23.77
C LYS B 200 -13.51 21.82 -24.34
N LEU B 201 -13.35 21.87 -25.66
CA LEU B 201 -12.06 21.52 -26.25
C LEU B 201 -10.97 22.46 -25.79
N GLY B 202 -11.27 23.77 -25.77
CA GLY B 202 -10.28 24.73 -25.28
C GLY B 202 -9.88 24.46 -23.85
N TYR B 203 -10.85 24.10 -23.01
CA TYR B 203 -10.52 23.75 -21.63
C TYR B 203 -9.59 22.54 -21.59
N LEU B 204 -9.82 21.56 -22.46
CA LEU B 204 -8.94 20.40 -22.51
C LEU B 204 -7.53 20.79 -22.93
N ILE B 205 -7.42 21.73 -23.88
CA ILE B 205 -6.10 22.20 -24.31
C ILE B 205 -5.39 22.91 -23.17
N GLN B 206 -6.13 23.72 -22.40
CA GLN B 206 -5.53 24.41 -21.27
C GLN B 206 -4.96 23.41 -20.26
N MET B 207 -5.78 22.43 -19.85
CA MET B 207 -5.31 21.46 -18.86
C MET B 207 -4.12 20.67 -19.38
N LEU B 208 -4.10 20.35 -20.67
CA LEU B 208 -2.97 19.63 -21.23
C LEU B 208 -1.70 20.48 -21.17
N LYS B 209 -1.82 21.76 -21.49
CA LYS B 209 -0.66 22.66 -21.40
C LYS B 209 -0.25 22.85 -19.95
N LYS B 210 -1.22 23.09 -19.06
CA LYS B 210 -0.91 23.26 -17.65
C LYS B 210 -0.16 22.06 -17.10
N ALA B 211 -0.49 20.86 -17.58
CA ALA B 211 0.20 19.64 -17.17
C ALA B 211 1.46 19.38 -17.99
N LYS B 212 1.80 20.28 -18.93
CA LYS B 212 3.01 20.13 -19.74
C LYS B 212 2.97 18.86 -20.59
N LEU B 213 1.77 18.47 -21.03
CA LEU B 213 1.58 17.34 -21.93
C LEU B 213 1.31 17.77 -23.36
N TRP B 214 1.10 19.06 -23.60
CA TRP B 214 0.58 19.52 -24.88
C TRP B 214 1.47 19.08 -26.06
N ASN B 215 2.78 19.25 -25.93
CA ASN B 215 3.69 18.95 -27.03
C ASN B 215 4.28 17.55 -26.97
N THR B 216 3.93 16.75 -25.97
CA THR B 216 4.46 15.40 -25.83
C THR B 216 3.41 14.34 -26.17
N LEU B 217 2.19 14.75 -26.46
CA LEU B 217 1.04 13.87 -26.51
C LEU B 217 0.28 14.11 -27.82
N ASN B 218 -0.17 13.04 -28.45
CA ASN B 218 -0.93 13.14 -29.70
C ASN B 218 -2.43 13.20 -29.36
N LEU B 219 -3.01 14.39 -29.48
CA LEU B 219 -4.42 14.59 -29.21
C LEU B 219 -5.21 14.36 -30.49
N ILE B 220 -6.24 13.52 -30.41
CA ILE B 220 -7.08 13.18 -31.56
C ILE B 220 -8.52 13.46 -31.18
N ILE B 221 -9.18 14.32 -31.95
CA ILE B 221 -10.57 14.68 -31.73
C ILE B 221 -11.38 14.07 -32.87
N THR B 222 -12.38 13.27 -32.54
CA THR B 222 -13.21 12.63 -33.55
C THR B 222 -14.61 12.42 -32.97
N SER B 223 -15.43 11.68 -33.70
CA SER B 223 -16.78 11.35 -33.26
C SER B 223 -17.20 10.05 -33.92
N ASP B 224 -18.33 9.52 -33.47
CA ASP B 224 -18.83 8.25 -34.00
C ASP B 224 -19.70 8.42 -35.24
N HIS B 225 -20.44 9.52 -35.35
CA HIS B 225 -21.43 9.67 -36.41
C HIS B 225 -21.92 11.11 -36.40
N GLY B 226 -22.78 11.43 -37.35
CA GLY B 226 -23.38 12.73 -37.47
C GLY B 226 -24.82 12.74 -37.01
N MET B 227 -25.63 13.56 -37.67
CA MET B 227 -27.03 13.75 -37.31
C MET B 227 -27.75 14.30 -38.53
N THR B 228 -29.03 13.94 -38.66
CA THR B 228 -29.84 14.44 -39.75
C THR B 228 -31.23 14.78 -39.23
N GLN B 229 -31.90 15.70 -39.92
CA GLN B 229 -33.19 16.21 -39.48
C GLN B 229 -34.32 15.23 -39.82
N CYS B 230 -35.20 15.01 -38.85
CA CYS B 230 -36.42 14.24 -39.03
C CYS B 230 -37.63 15.18 -39.05
N SER B 231 -38.80 14.61 -39.37
CA SER B 231 -39.99 15.43 -39.53
C SER B 231 -41.24 14.60 -39.24
N GLU B 232 -42.26 15.27 -38.69
CA GLU B 232 -43.56 14.64 -38.52
C GLU B 232 -44.17 14.24 -39.85
N GLU B 233 -43.71 14.82 -40.96
CA GLU B 233 -44.19 14.47 -42.29
C GLU B 233 -43.41 13.32 -42.90
N ARG B 234 -42.42 12.78 -42.19
CA ARG B 234 -41.60 11.68 -42.67
C ARG B 234 -41.58 10.55 -41.64
N LEU B 235 -42.77 10.03 -41.34
CA LEU B 235 -42.92 8.91 -40.41
C LEU B 235 -43.37 7.66 -41.17
N ILE B 236 -42.96 6.51 -40.65
CA ILE B 236 -43.32 5.21 -41.21
C ILE B 236 -43.87 4.38 -40.07
N GLU B 237 -45.12 3.94 -40.20
CA GLU B 237 -45.85 3.29 -39.11
C GLU B 237 -45.89 1.80 -39.37
N LEU B 238 -45.17 1.03 -38.55
CA LEU B 238 -45.14 -0.42 -38.72
C LEU B 238 -46.50 -1.05 -38.42
N ASP B 239 -47.26 -0.47 -37.48
CA ASP B 239 -48.57 -1.03 -37.14
C ASP B 239 -49.51 -1.02 -38.33
N GLN B 240 -49.31 -0.09 -39.27
CA GLN B 240 -50.17 -0.05 -40.45
C GLN B 240 -49.95 -1.26 -41.35
N TYR B 241 -48.76 -1.85 -41.33
CA TYR B 241 -48.41 -2.93 -42.25
C TYR B 241 -48.20 -4.28 -41.56
N LEU B 242 -48.03 -4.30 -40.24
CA LEU B 242 -47.65 -5.53 -39.56
C LEU B 242 -48.48 -5.72 -38.28
N ASP B 243 -48.63 -6.98 -37.90
CA ASP B 243 -49.27 -7.34 -36.64
C ASP B 243 -48.20 -7.46 -35.56
N LYS B 244 -48.32 -6.62 -34.52
CA LYS B 244 -47.35 -6.64 -33.43
C LYS B 244 -47.09 -8.05 -32.91
N ASP B 245 -48.11 -8.91 -32.94
CA ASP B 245 -47.98 -10.24 -32.36
C ASP B 245 -47.22 -11.21 -33.25
N HIS B 246 -46.87 -10.82 -34.47
CA HIS B 246 -46.18 -11.70 -35.40
C HIS B 246 -44.68 -11.48 -35.45
N TYR B 247 -44.15 -10.52 -34.70
CA TYR B 247 -42.72 -10.24 -34.74
C TYR B 247 -42.29 -9.58 -33.44
N THR B 248 -40.99 -9.59 -33.21
CA THR B 248 -40.36 -8.85 -32.13
C THR B 248 -39.40 -7.83 -32.74
N LEU B 249 -39.51 -6.58 -32.29
CA LEU B 249 -38.69 -5.50 -32.83
C LEU B 249 -37.45 -5.36 -31.95
N ILE B 250 -36.31 -5.86 -32.44
CA ILE B 250 -35.09 -5.84 -31.65
C ILE B 250 -34.50 -4.44 -31.59
N ASP B 251 -34.39 -3.78 -32.75
CA ASP B 251 -33.94 -2.40 -32.84
C ASP B 251 -34.91 -1.66 -33.76
N GLN B 252 -35.14 -0.38 -33.48
CA GLN B 252 -36.29 0.30 -34.07
C GLN B 252 -35.94 1.12 -35.30
N SER B 253 -35.30 2.28 -35.12
CA SER B 253 -35.13 3.22 -36.22
C SER B 253 -33.75 3.87 -36.20
N PRO B 254 -33.22 4.24 -37.38
CA PRO B 254 -33.80 4.08 -38.73
C PRO B 254 -33.56 2.71 -39.37
N VAL B 255 -32.89 1.81 -38.67
CA VAL B 255 -32.68 0.45 -39.15
C VAL B 255 -33.43 -0.48 -38.21
N ALA B 256 -34.57 -0.99 -38.67
CA ALA B 256 -35.40 -1.88 -37.86
C ALA B 256 -34.89 -3.31 -37.98
N ALA B 257 -34.55 -3.91 -36.84
CA ALA B 257 -34.10 -5.30 -36.79
C ALA B 257 -35.30 -6.14 -36.34
N ILE B 258 -35.89 -6.86 -37.28
CA ILE B 258 -37.16 -7.56 -37.06
C ILE B 258 -36.88 -9.05 -36.98
N LEU B 259 -37.37 -9.69 -35.91
CA LEU B 259 -37.28 -11.14 -35.72
C LEU B 259 -38.69 -11.70 -35.81
N PRO B 260 -39.12 -12.18 -36.98
CA PRO B 260 -40.49 -12.71 -37.08
C PRO B 260 -40.64 -13.95 -36.21
N LYS B 261 -41.86 -14.13 -35.69
CA LYS B 261 -42.14 -15.30 -34.88
C LYS B 261 -42.23 -16.55 -35.76
N GLU B 262 -42.37 -17.69 -35.09
CA GLU B 262 -42.28 -19.00 -35.74
C GLU B 262 -43.28 -19.10 -36.89
N GLY B 263 -42.77 -19.38 -38.08
CA GLY B 263 -43.61 -19.55 -39.25
C GLY B 263 -44.19 -18.29 -39.83
N LYS B 264 -43.99 -17.14 -39.18
CA LYS B 264 -44.57 -15.88 -39.63
C LYS B 264 -43.61 -15.06 -40.50
N PHE B 265 -42.44 -15.62 -40.84
CA PHE B 265 -41.44 -14.87 -41.59
C PHE B 265 -42.01 -14.36 -42.91
N ASP B 266 -42.60 -15.25 -43.69
CA ASP B 266 -43.06 -14.87 -45.03
C ASP B 266 -44.13 -13.80 -44.95
N GLU B 267 -45.05 -13.91 -44.00
CA GLU B 267 -46.09 -12.90 -43.84
C GLU B 267 -45.50 -11.53 -43.53
N VAL B 268 -44.59 -11.48 -42.55
CA VAL B 268 -44.01 -10.21 -42.14
C VAL B 268 -43.20 -9.60 -43.29
N TYR B 269 -42.30 -10.39 -43.88
CA TYR B 269 -41.47 -9.87 -44.96
C TYR B 269 -42.32 -9.35 -46.12
N GLU B 270 -43.17 -10.20 -46.68
CA GLU B 270 -43.94 -9.81 -47.86
C GLU B 270 -44.77 -8.56 -47.59
N ALA B 271 -45.29 -8.42 -46.37
CA ALA B 271 -46.11 -7.26 -46.05
C ALA B 271 -45.27 -5.98 -46.02
N LEU B 272 -44.03 -6.08 -45.54
CA LEU B 272 -43.21 -4.92 -45.29
C LEU B 272 -42.48 -4.40 -46.53
N THR B 273 -42.22 -5.25 -47.52
CA THR B 273 -41.31 -4.88 -48.61
C THR B 273 -41.84 -3.68 -49.41
N HIS B 274 -43.11 -3.71 -49.79
CA HIS B 274 -43.72 -2.63 -50.57
C HIS B 274 -44.54 -1.69 -49.71
N ALA B 275 -44.29 -1.67 -48.40
CA ALA B 275 -45.13 -0.90 -47.49
C ALA B 275 -44.97 0.59 -47.71
N HIS B 276 -43.73 1.05 -47.92
CA HIS B 276 -43.44 2.47 -47.99
C HIS B 276 -42.31 2.68 -48.98
N PRO B 277 -42.38 3.73 -49.82
CA PRO B 277 -41.31 3.94 -50.81
C PRO B 277 -39.97 4.32 -50.19
N ASN B 278 -39.95 4.71 -48.91
CA ASN B 278 -38.73 5.11 -48.24
C ASN B 278 -38.30 4.10 -47.18
N LEU B 279 -38.89 2.91 -47.18
CA LEU B 279 -38.45 1.81 -46.33
C LEU B 279 -38.04 0.66 -47.24
N THR B 280 -36.75 0.34 -47.24
CA THR B 280 -36.24 -0.78 -48.01
C THR B 280 -36.04 -1.95 -47.06
N VAL B 281 -36.67 -3.08 -47.38
CA VAL B 281 -36.62 -4.27 -46.54
C VAL B 281 -35.65 -5.24 -47.19
N TYR B 282 -34.72 -5.77 -46.40
CA TYR B 282 -33.74 -6.73 -46.88
C TYR B 282 -33.88 -8.02 -46.08
N LYS B 283 -33.79 -9.15 -46.77
CA LYS B 283 -33.45 -10.39 -46.08
C LYS B 283 -32.04 -10.23 -45.51
N LYS B 284 -31.83 -10.83 -44.34
CA LYS B 284 -30.50 -10.76 -43.72
C LYS B 284 -29.42 -11.14 -44.72
N GLU B 285 -29.75 -12.03 -45.67
CA GLU B 285 -28.77 -12.52 -46.64
C GLU B 285 -28.57 -11.58 -47.82
N ASP B 286 -29.48 -10.64 -48.04
CA ASP B 286 -29.39 -9.71 -49.16
C ASP B 286 -28.92 -8.32 -48.76
N VAL B 287 -28.56 -8.11 -47.50
CA VAL B 287 -28.09 -6.81 -47.03
C VAL B 287 -26.95 -6.36 -47.94
N PRO B 288 -26.95 -5.12 -48.42
CA PRO B 288 -25.87 -4.66 -49.29
C PRO B 288 -24.50 -4.96 -48.71
N GLU B 289 -23.60 -5.45 -49.57
CA GLU B 289 -22.27 -5.82 -49.10
C GLU B 289 -21.47 -4.61 -48.63
N ARG B 290 -21.72 -3.44 -49.23
CA ARG B 290 -20.92 -2.26 -48.89
C ARG B 290 -21.09 -1.84 -47.44
N TRP B 291 -22.20 -2.20 -46.81
CA TRP B 291 -22.39 -1.90 -45.39
C TRP B 291 -21.62 -2.84 -44.47
N HIS B 292 -21.29 -4.03 -44.94
CA HIS B 292 -20.60 -5.02 -44.12
C HIS B 292 -21.38 -5.26 -42.82
N TYR B 293 -22.63 -5.65 -43.00
CA TYR B 293 -23.61 -5.75 -41.92
C TYR B 293 -24.47 -6.99 -42.17
N LYS B 294 -23.82 -8.12 -42.40
CA LYS B 294 -24.54 -9.34 -42.77
C LYS B 294 -24.03 -10.59 -42.06
N TYR B 295 -22.70 -10.77 -42.00
CA TYR B 295 -22.11 -12.01 -41.49
C TYR B 295 -21.95 -11.95 -39.97
N ASN B 296 -23.09 -11.97 -39.27
CA ASN B 296 -23.05 -12.08 -37.82
C ASN B 296 -24.40 -12.59 -37.34
N SER B 297 -24.36 -13.48 -36.35
CA SER B 297 -25.58 -14.10 -35.85
C SER B 297 -26.50 -13.11 -35.15
N ARG B 298 -25.99 -11.95 -34.72
CA ARG B 298 -26.85 -10.99 -34.03
C ARG B 298 -27.58 -10.06 -34.98
N ILE B 299 -27.28 -10.12 -36.27
CA ILE B 299 -28.09 -9.46 -37.28
C ILE B 299 -29.35 -10.28 -37.50
N GLN B 300 -30.52 -9.65 -37.34
CA GLN B 300 -31.79 -10.36 -37.35
C GLN B 300 -32.18 -10.76 -38.77
N PRO B 301 -33.19 -11.64 -38.90
CA PRO B 301 -33.55 -12.13 -40.24
C PRO B 301 -33.96 -11.03 -41.21
N ILE B 302 -34.65 -10.00 -40.74
CA ILE B 302 -35.12 -8.91 -41.58
C ILE B 302 -34.49 -7.62 -41.11
N ILE B 303 -33.95 -6.85 -42.05
CA ILE B 303 -33.36 -5.54 -41.79
C ILE B 303 -34.05 -4.54 -42.70
N ALA B 304 -34.81 -3.62 -42.12
CA ALA B 304 -35.55 -2.61 -42.86
C ALA B 304 -34.92 -1.25 -42.61
N VAL B 305 -34.39 -0.64 -43.68
CA VAL B 305 -33.63 0.60 -43.59
C VAL B 305 -34.49 1.74 -44.11
N ALA B 306 -34.68 2.76 -43.27
CA ALA B 306 -35.38 3.97 -43.71
C ALA B 306 -34.42 4.93 -44.41
N ASP B 307 -34.94 5.68 -45.37
CA ASP B 307 -34.15 6.67 -46.07
C ASP B 307 -33.82 7.83 -45.14
N GLU B 308 -32.87 8.66 -45.57
CA GLU B 308 -32.43 9.80 -44.76
C GLU B 308 -33.61 10.67 -44.36
N GLY B 309 -33.66 11.03 -43.08
CA GLY B 309 -34.70 11.88 -42.56
C GLY B 309 -36.02 11.20 -42.28
N TRP B 310 -36.12 9.90 -42.50
CA TRP B 310 -37.34 9.15 -42.23
C TRP B 310 -37.19 8.36 -40.94
N HIS B 311 -38.28 8.28 -40.18
CA HIS B 311 -38.27 7.67 -38.85
C HIS B 311 -39.30 6.56 -38.80
N ILE B 312 -38.91 5.44 -38.23
CA ILE B 312 -39.77 4.27 -38.09
C ILE B 312 -40.31 4.27 -36.66
N LEU B 313 -41.63 4.19 -36.53
CA LEU B 313 -42.26 4.01 -35.23
C LEU B 313 -43.43 3.06 -35.40
N GLN B 314 -43.82 2.42 -34.30
CA GLN B 314 -44.85 1.40 -34.35
C GLN B 314 -46.23 2.02 -34.53
N ASN B 315 -46.55 3.05 -33.74
CA ASN B 315 -47.78 3.83 -33.93
C ASN B 315 -47.41 5.26 -34.29
N LYS B 316 -48.21 5.88 -35.16
CA LYS B 316 -47.80 7.14 -35.76
C LYS B 316 -47.89 8.30 -34.78
N SER B 317 -48.65 8.14 -33.70
CA SER B 317 -48.70 9.12 -32.62
C SER B 317 -47.53 9.00 -31.65
N ASP B 318 -46.75 7.91 -31.71
CA ASP B 318 -45.64 7.71 -30.81
C ASP B 318 -44.65 8.87 -30.88
N ASP B 319 -43.88 9.02 -29.81
CA ASP B 319 -42.90 10.09 -29.74
C ASP B 319 -41.71 9.80 -30.65
N PHE B 320 -41.10 10.87 -31.14
CA PHE B 320 -39.89 10.77 -31.95
C PHE B 320 -39.09 12.05 -31.77
N LEU B 321 -37.81 11.96 -32.12
CA LEU B 321 -36.87 13.05 -31.93
C LEU B 321 -36.62 13.76 -33.25
N LEU B 322 -36.36 15.07 -33.16
CA LEU B 322 -36.20 15.88 -34.36
C LEU B 322 -34.89 15.59 -35.08
N GLY B 323 -33.89 15.06 -34.37
CA GLY B 323 -32.64 14.65 -34.98
C GLY B 323 -32.38 13.18 -34.71
N ASN B 324 -31.76 12.51 -35.67
CA ASN B 324 -31.45 11.10 -35.50
C ASN B 324 -30.32 10.71 -36.45
N HIS B 325 -29.81 9.51 -36.21
CA HIS B 325 -28.68 8.96 -36.96
C HIS B 325 -28.84 7.44 -37.00
N GLY B 326 -27.95 6.79 -37.74
CA GLY B 326 -28.05 5.37 -37.98
C GLY B 326 -28.31 5.01 -39.43
N TYR B 327 -28.48 6.01 -40.30
CA TYR B 327 -28.80 5.78 -41.70
C TYR B 327 -27.57 5.29 -42.45
N ASP B 328 -27.75 5.06 -43.75
CA ASP B 328 -26.66 4.65 -44.63
C ASP B 328 -25.42 5.51 -44.41
N ASN B 329 -24.29 4.85 -44.15
CA ASN B 329 -23.04 5.55 -43.84
C ASN B 329 -22.45 6.27 -45.05
N ALA B 330 -23.03 6.10 -46.24
CA ALA B 330 -22.60 6.88 -47.40
C ALA B 330 -23.09 8.32 -47.34
N LEU B 331 -24.12 8.58 -46.54
CA LEU B 331 -24.70 9.91 -46.45
C LEU B 331 -23.71 10.87 -45.77
N ALA B 332 -23.64 12.09 -46.29
CA ALA B 332 -22.74 13.09 -45.71
C ALA B 332 -23.21 13.51 -44.32
N ASP B 333 -24.51 13.45 -44.05
CA ASP B 333 -25.01 13.83 -42.74
C ASP B 333 -24.55 12.89 -41.64
N MET B 334 -24.20 11.64 -41.98
CA MET B 334 -23.76 10.66 -41.00
C MET B 334 -22.25 10.69 -40.76
N HIS B 335 -21.53 11.60 -41.39
CA HIS B 335 -20.08 11.58 -41.32
C HIS B 335 -19.60 12.45 -40.15
N PRO B 336 -18.72 11.93 -39.27
CA PRO B 336 -18.20 12.76 -38.18
C PRO B 336 -16.94 13.53 -38.54
N ILE B 337 -16.37 14.23 -37.56
CA ILE B 337 -15.17 15.03 -37.74
C ILE B 337 -13.92 14.17 -37.50
N PHE B 338 -12.75 14.69 -37.87
CA PHE B 338 -11.49 14.12 -37.42
C PHE B 338 -10.43 15.22 -37.38
N LEU B 339 -9.90 15.46 -36.19
CA LEU B 339 -8.82 16.42 -35.96
C LEU B 339 -7.70 15.71 -35.21
N ALA B 340 -6.48 16.21 -35.35
CA ALA B 340 -5.39 15.67 -34.56
C ALA B 340 -4.25 16.68 -34.47
N HIS B 341 -3.66 16.77 -33.29
CA HIS B 341 -2.47 17.58 -33.05
C HIS B 341 -1.49 16.77 -32.22
N GLY B 342 -0.21 16.84 -32.58
CA GLY B 342 0.80 16.16 -31.81
C GLY B 342 2.16 16.08 -32.49
N PRO B 343 3.15 15.61 -31.74
CA PRO B 343 4.50 15.47 -32.33
C PRO B 343 4.54 14.55 -33.53
N ALA B 344 3.63 13.58 -33.62
CA ALA B 344 3.61 12.65 -34.75
C ALA B 344 2.83 13.18 -35.94
N PHE B 345 1.97 14.18 -35.75
CA PHE B 345 1.06 14.65 -36.78
C PHE B 345 1.58 15.90 -37.45
N ARG B 346 1.32 16.02 -38.76
CA ARG B 346 1.67 17.21 -39.51
C ARG B 346 1.01 18.45 -38.93
N LYS B 347 1.29 19.61 -39.51
CA LYS B 347 0.76 20.88 -39.04
C LYS B 347 0.11 21.62 -40.21
N ASN B 348 -1.09 22.13 -39.98
CA ASN B 348 -1.84 22.88 -40.99
C ASN B 348 -1.98 22.06 -42.27
N PHE B 349 -2.35 20.79 -42.09
CA PHE B 349 -2.58 19.85 -43.19
C PHE B 349 -4.04 19.45 -43.21
N SER B 350 -4.56 19.14 -44.41
CA SER B 350 -5.95 18.75 -44.55
C SER B 350 -6.07 17.65 -45.59
N LYS B 351 -7.04 16.76 -45.35
CA LYS B 351 -7.31 15.61 -46.20
C LYS B 351 -8.80 15.59 -46.48
N GLU B 352 -9.18 15.15 -47.67
CA GLU B 352 -10.57 15.23 -48.07
C GLU B 352 -11.42 14.19 -47.34
N ALA B 353 -10.93 12.94 -47.28
CA ALA B 353 -11.72 11.87 -46.69
C ALA B 353 -10.83 10.91 -45.93
N MET B 354 -11.46 10.16 -45.03
CA MET B 354 -10.79 9.10 -44.29
C MET B 354 -11.84 8.07 -43.87
N ASN B 355 -11.46 6.81 -43.91
CA ASN B 355 -12.31 5.72 -43.43
C ASN B 355 -12.09 5.53 -41.94
N SER B 356 -13.19 5.49 -41.17
CA SER B 356 -13.07 5.36 -39.73
C SER B 356 -12.43 4.03 -39.33
N THR B 357 -12.45 3.03 -40.21
CA THR B 357 -11.76 1.78 -39.94
C THR B 357 -10.24 1.92 -39.98
N ASP B 358 -9.71 3.02 -40.51
CA ASP B 358 -8.27 3.23 -40.58
C ASP B 358 -7.71 3.89 -39.33
N LEU B 359 -8.55 4.25 -38.36
CA LEU B 359 -8.04 4.86 -37.13
C LEU B 359 -7.27 3.84 -36.29
N TYR B 360 -7.80 2.61 -36.19
CA TYR B 360 -7.15 1.57 -35.40
C TYR B 360 -5.70 1.35 -35.82
N PRO B 361 -5.41 1.03 -37.08
CA PRO B 361 -3.99 0.88 -37.47
C PRO B 361 -3.17 2.13 -37.21
N LEU B 362 -3.77 3.31 -37.32
CA LEU B 362 -3.04 4.54 -37.01
C LEU B 362 -2.72 4.61 -35.53
N LEU B 363 -3.69 4.31 -34.66
CA LEU B 363 -3.44 4.32 -33.23
C LEU B 363 -2.35 3.34 -32.85
N CYS B 364 -2.35 2.15 -33.47
CA CYS B 364 -1.34 1.15 -33.15
C CYS B 364 0.04 1.59 -33.62
N HIS B 365 0.12 2.16 -34.83
CA HIS B 365 1.40 2.69 -35.29
C HIS B 365 1.90 3.79 -34.36
N LEU B 366 1.01 4.69 -33.94
CA LEU B 366 1.41 5.75 -33.04
C LEU B 366 1.91 5.19 -31.72
N LEU B 367 1.28 4.12 -31.23
CA LEU B 367 1.65 3.52 -29.96
C LEU B 367 2.74 2.47 -30.10
N ASN B 368 3.16 2.16 -31.33
CA ASN B 368 4.19 1.15 -31.57
C ASN B 368 3.78 -0.21 -31.01
N ILE B 369 2.49 -0.53 -31.07
CA ILE B 369 1.99 -1.84 -30.69
C ILE B 369 1.50 -2.53 -31.95
N THR B 370 1.38 -3.85 -31.87
CA THR B 370 0.99 -4.65 -33.02
C THR B 370 -0.53 -4.73 -33.11
N ALA B 371 -1.07 -4.41 -34.28
CA ALA B 371 -2.50 -4.40 -34.48
C ALA B 371 -3.03 -5.80 -34.69
N MET B 372 -4.21 -6.06 -34.14
CA MET B 372 -4.96 -7.26 -34.50
C MET B 372 -5.40 -7.17 -35.96
N PRO B 373 -5.80 -8.28 -36.56
CA PRO B 373 -6.36 -8.21 -37.91
C PRO B 373 -7.56 -7.27 -37.94
N HIS B 374 -7.58 -6.38 -38.93
CA HIS B 374 -8.61 -5.35 -39.04
C HIS B 374 -8.95 -5.14 -40.51
N ASN B 375 -9.90 -4.23 -40.76
CA ASN B 375 -10.39 -3.96 -42.11
C ASN B 375 -9.94 -2.61 -42.65
N GLY B 376 -9.04 -1.92 -41.95
CA GLY B 376 -8.47 -0.68 -42.42
C GLY B 376 -7.04 -0.87 -42.94
N SER B 377 -6.47 0.25 -43.38
CA SER B 377 -5.10 0.28 -43.87
C SER B 377 -4.39 1.49 -43.32
N PHE B 378 -3.23 1.25 -42.70
CA PHE B 378 -2.41 2.36 -42.23
C PHE B 378 -1.96 3.25 -43.38
N TRP B 379 -1.86 2.70 -44.58
CA TRP B 379 -1.34 3.46 -45.72
C TRP B 379 -2.32 4.54 -46.16
N ASN B 380 -3.62 4.33 -45.97
CA ASN B 380 -4.59 5.36 -46.32
C ASN B 380 -4.35 6.64 -45.55
N VAL B 381 -3.82 6.55 -44.33
CA VAL B 381 -3.74 7.68 -43.41
C VAL B 381 -2.31 8.01 -43.04
N GLN B 382 -1.32 7.40 -43.69
CA GLN B 382 0.07 7.69 -43.33
C GLN B 382 0.46 9.09 -43.75
N ASP B 383 -0.25 9.69 -44.72
CA ASP B 383 0.03 11.06 -45.11
C ASP B 383 -0.39 12.08 -44.06
N LEU B 384 -1.00 11.63 -42.96
CA LEU B 384 -1.26 12.51 -41.83
C LEU B 384 -0.04 12.69 -40.94
N LEU B 385 1.00 11.88 -41.13
CA LEU B 385 2.14 11.85 -40.22
C LEU B 385 3.35 12.52 -40.84
N ASN B 386 4.23 13.04 -39.97
CA ASN B 386 5.49 13.60 -40.42
C ASN B 386 6.43 12.56 -41.01
N SER B 387 6.24 11.29 -40.67
CA SER B 387 7.09 10.21 -41.18
C SER B 387 7.18 10.27 -42.71
N GLN C 14 19.04 21.72 45.62
CA GLN C 14 18.99 21.82 44.17
C GLN C 14 18.32 20.58 43.58
N LYS C 15 17.08 20.32 44.03
CA LYS C 15 16.31 19.18 43.58
C LYS C 15 14.89 19.64 43.30
N VAL C 16 14.27 19.04 42.28
CA VAL C 16 12.93 19.44 41.84
C VAL C 16 12.11 18.20 41.52
N LEU C 17 10.87 18.19 41.97
CA LEU C 17 9.86 17.21 41.54
C LEU C 17 8.72 17.96 40.88
N LEU C 18 8.54 17.74 39.58
CA LEU C 18 7.51 18.41 38.81
C LEU C 18 6.34 17.44 38.61
N VAL C 19 5.18 17.81 39.15
CA VAL C 19 3.98 16.98 39.10
C VAL C 19 2.96 17.66 38.21
N SER C 20 2.35 16.89 37.31
CA SER C 20 1.30 17.40 36.44
C SER C 20 0.03 16.59 36.64
N PHE C 21 -1.06 17.29 36.97
CA PHE C 21 -2.39 16.70 37.00
C PHE C 21 -3.10 17.16 35.72
N ASP C 22 -3.26 16.25 34.77
CA ASP C 22 -3.78 16.60 33.45
C ASP C 22 -5.15 17.26 33.58
N GLY C 23 -5.29 18.43 32.96
CA GLY C 23 -6.56 19.11 32.88
C GLY C 23 -7.05 19.70 34.19
N PHE C 24 -6.15 20.21 35.01
CA PHE C 24 -6.51 20.82 36.29
C PHE C 24 -6.68 22.32 36.08
N ARG C 25 -7.93 22.75 35.89
CA ARG C 25 -8.21 24.15 35.63
C ARG C 25 -7.89 25.02 36.84
N TRP C 26 -7.58 26.29 36.57
CA TRP C 26 -7.07 27.17 37.61
C TRP C 26 -8.03 27.31 38.78
N ASP C 27 -9.34 27.24 38.53
CA ASP C 27 -10.33 27.51 39.55
C ASP C 27 -10.85 26.26 40.25
N TYR C 28 -10.38 25.07 39.84
CA TYR C 28 -10.77 23.86 40.56
C TYR C 28 -10.42 23.95 42.04
N LEU C 29 -9.40 24.73 42.40
CA LEU C 29 -8.99 24.84 43.79
C LEU C 29 -10.10 25.35 44.70
N TYR C 30 -11.07 26.07 44.17
CA TYR C 30 -12.09 26.72 44.99
C TYR C 30 -13.47 26.10 44.84
N LYS C 31 -13.64 25.15 43.92
CA LYS C 31 -14.93 24.48 43.80
C LYS C 31 -15.24 23.63 45.03
N VAL C 32 -14.22 23.06 45.66
CA VAL C 32 -14.42 22.21 46.85
C VAL C 32 -13.32 22.51 47.85
N PRO C 33 -13.41 22.02 49.08
CA PRO C 33 -12.27 22.14 50.01
C PRO C 33 -11.07 21.35 49.49
N THR C 34 -9.94 22.01 49.41
CA THR C 34 -8.68 21.40 48.98
C THR C 34 -7.60 21.75 49.98
N PRO C 35 -7.64 21.15 51.17
CA PRO C 35 -6.69 21.55 52.23
C PRO C 35 -5.23 21.33 51.87
N HIS C 36 -4.91 20.22 51.20
CA HIS C 36 -3.51 19.97 50.84
C HIS C 36 -3.02 20.99 49.82
N PHE C 37 -3.86 21.34 48.85
CA PHE C 37 -3.49 22.39 47.91
C PHE C 37 -3.32 23.73 48.63
N HIS C 38 -4.22 24.02 49.59
CA HIS C 38 -4.09 25.23 50.37
C HIS C 38 -2.95 25.12 51.38
N TYR C 39 -2.61 23.89 51.79
CA TYR C 39 -1.45 23.69 52.65
C TYR C 39 -0.16 24.14 51.95
N ILE C 40 0.01 23.72 50.70
CA ILE C 40 1.17 24.17 49.93
C ILE C 40 1.12 25.68 49.71
N MET C 41 -0.07 26.20 49.38
CA MET C 41 -0.23 27.65 49.24
C MET C 41 0.22 28.35 50.51
N LYS C 42 -0.07 27.77 51.67
CA LYS C 42 0.25 28.41 52.94
C LYS C 42 1.75 28.54 53.13
N TYR C 43 2.52 27.52 52.75
CA TYR C 43 3.96 27.50 52.93
C TYR C 43 4.71 27.53 51.61
N GLY C 44 4.09 28.04 50.55
CA GLY C 44 4.73 28.09 49.25
C GLY C 44 4.20 29.22 48.40
N VAL C 45 4.38 29.10 47.08
CA VAL C 45 3.93 30.11 46.14
C VAL C 45 2.73 29.56 45.38
N HIS C 46 1.91 30.48 44.88
CA HIS C 46 0.68 30.12 44.19
C HIS C 46 0.40 31.18 43.12
N VAL C 47 0.16 30.72 41.90
CA VAL C 47 -0.20 31.60 40.80
C VAL C 47 -1.68 31.40 40.52
N LYS C 48 -2.43 32.49 40.48
CA LYS C 48 -3.87 32.41 40.32
C LYS C 48 -4.23 31.79 38.97
N GLN C 49 -3.57 32.22 37.90
CA GLN C 49 -3.83 31.68 36.57
C GLN C 49 -2.54 31.63 35.76
N VAL C 50 -2.31 30.51 35.10
CA VAL C 50 -1.18 30.33 34.19
C VAL C 50 -1.71 30.48 32.77
N THR C 51 -1.01 31.27 31.96
CA THR C 51 -1.30 31.36 30.53
C THR C 51 -0.46 30.31 29.82
N ASN C 52 -1.11 29.27 29.32
CA ASN C 52 -0.43 28.16 28.66
C ASN C 52 -0.32 28.45 27.16
N VAL C 53 0.14 27.47 26.38
CA VAL C 53 0.42 27.68 24.97
C VAL C 53 -0.72 27.13 24.13
N PHE C 54 -0.83 27.68 22.92
CA PHE C 54 -1.83 27.28 21.94
C PHE C 54 -1.18 26.31 20.93
N ILE C 55 -1.86 25.24 20.52
CA ILE C 55 -3.18 24.85 21.00
C ILE C 55 -3.08 24.30 22.42
N THR C 56 -4.16 24.46 23.20
CA THR C 56 -4.15 24.07 24.60
C THR C 56 -4.49 22.58 24.73
N LYS C 57 -3.62 21.75 24.15
CA LYS C 57 -3.72 20.30 24.22
C LYS C 57 -2.63 19.76 25.13
N THR C 58 -2.73 18.45 25.40
CA THR C 58 -1.89 17.83 26.42
C THR C 58 -0.41 17.87 26.01
N TYR C 59 -0.08 17.28 24.87
CA TYR C 59 1.31 17.07 24.49
C TYR C 59 1.99 18.39 24.11
N PRO C 60 1.34 19.25 23.33
CA PRO C 60 1.96 20.56 23.06
C PRO C 60 2.38 21.31 24.31
N ASN C 61 1.56 21.25 25.37
CA ASN C 61 1.85 22.03 26.57
C ASN C 61 2.85 21.34 27.49
N HIS C 62 2.83 20.00 27.57
CA HIS C 62 3.81 19.29 28.37
C HIS C 62 5.21 19.49 27.83
N TYR C 63 5.35 19.56 26.51
CA TYR C 63 6.68 19.77 25.93
C TYR C 63 7.14 21.21 26.14
N THR C 64 6.21 22.16 26.19
CA THR C 64 6.58 23.53 26.53
C THR C 64 7.10 23.62 27.96
N LEU C 65 6.51 22.86 28.88
CA LEU C 65 6.94 22.92 30.27
C LEU C 65 8.38 22.45 30.42
N VAL C 66 8.83 21.54 29.55
CA VAL C 66 10.17 20.98 29.64
C VAL C 66 11.10 21.56 28.57
N THR C 67 10.66 22.59 27.85
CA THR C 67 11.52 23.25 26.87
C THR C 67 11.42 24.77 26.90
N GLY C 68 10.33 25.37 27.36
CA GLY C 68 10.21 26.81 27.36
C GLY C 68 9.98 27.42 25.99
N LEU C 69 9.51 26.62 25.03
CA LEU C 69 9.35 27.06 23.66
C LEU C 69 7.87 27.09 23.27
N PHE C 70 7.53 27.98 22.36
CA PHE C 70 6.19 27.97 21.79
C PHE C 70 5.98 26.68 21.00
N ALA C 71 4.71 26.40 20.69
CA ALA C 71 4.39 25.14 20.02
C ALA C 71 5.01 25.07 18.63
N GLU C 72 5.03 26.20 17.91
CA GLU C 72 5.59 26.22 16.57
C GLU C 72 7.08 25.92 16.57
N ASN C 73 7.77 26.21 17.66
CA ASN C 73 9.22 26.07 17.71
C ASN C 73 9.67 24.69 18.15
N HIS C 74 9.04 24.10 19.17
CA HIS C 74 9.47 22.79 19.63
C HIS C 74 8.87 21.63 18.83
N GLY C 75 7.84 21.89 18.01
CA GLY C 75 7.42 20.98 16.98
C GLY C 75 6.26 20.07 17.35
N ILE C 76 5.97 19.89 18.62
CA ILE C 76 4.80 19.10 19.04
C ILE C 76 3.59 20.02 18.99
N VAL C 77 3.06 20.24 17.78
CA VAL C 77 2.02 21.23 17.59
C VAL C 77 0.64 20.73 18.01
N ALA C 78 0.45 19.42 18.10
CA ALA C 78 -0.87 18.87 18.44
C ALA C 78 -0.70 17.41 18.86
N ASN C 79 -1.75 16.89 19.49
CA ASN C 79 -1.79 15.46 19.80
C ASN C 79 -1.88 14.62 18.53
N ASP C 80 -2.37 15.21 17.43
CA ASP C 80 -2.40 14.56 16.14
C ASP C 80 -1.86 15.55 15.11
N MET C 81 -0.82 15.14 14.39
CA MET C 81 -0.21 16.00 13.39
C MET C 81 0.43 15.13 12.33
N PHE C 82 0.57 15.71 11.14
CA PHE C 82 1.13 15.03 9.98
C PHE C 82 2.37 15.79 9.52
N ASP C 83 3.47 15.06 9.31
CA ASP C 83 4.71 15.69 8.89
C ASP C 83 4.73 15.75 7.37
N PRO C 84 4.51 16.92 6.77
CA PRO C 84 4.45 16.98 5.30
C PRO C 84 5.79 16.77 4.63
N ILE C 85 6.89 17.14 5.30
CA ILE C 85 8.21 16.99 4.69
C ILE C 85 8.63 15.54 4.65
N ARG C 86 8.16 14.73 5.60
CA ARG C 86 8.59 13.35 5.73
C ARG C 86 7.48 12.34 5.50
N ASN C 87 6.23 12.79 5.31
CA ASN C 87 5.10 11.90 5.09
C ASN C 87 4.98 10.88 6.22
N LYS C 88 5.09 11.37 7.46
CA LYS C 88 4.93 10.52 8.63
C LYS C 88 3.94 11.21 9.57
N SER C 89 3.23 10.41 10.35
CA SER C 89 2.15 10.90 11.18
C SER C 89 2.42 10.65 12.66
N PHE C 90 1.94 11.57 13.48
CA PHE C 90 2.05 11.50 14.93
C PHE C 90 0.64 11.46 15.48
N SER C 91 0.35 10.45 16.29
CA SER C 91 -0.98 10.33 16.87
C SER C 91 -0.88 9.70 18.25
N LEU C 92 -1.66 10.25 19.18
CA LEU C 92 -1.74 9.74 20.54
C LEU C 92 -2.86 8.73 20.73
N ASP C 93 -3.88 8.76 19.88
CA ASP C 93 -5.04 7.89 20.06
C ASP C 93 -4.64 6.43 20.19
N HIS C 94 -3.70 5.98 19.36
CA HIS C 94 -3.15 4.63 19.45
C HIS C 94 -1.70 4.63 19.92
N MET C 95 -1.16 5.80 20.29
CA MET C 95 0.16 5.91 20.89
C MET C 95 1.25 5.84 19.83
N ASN C 96 0.97 6.35 18.63
CA ASN C 96 1.98 6.46 17.58
C ASN C 96 2.78 7.74 17.85
N ILE C 97 3.58 7.69 18.92
CA ILE C 97 4.31 8.85 19.41
C ILE C 97 5.80 8.60 19.54
N TYR C 98 6.30 7.43 19.15
CA TYR C 98 7.66 7.03 19.42
C TYR C 98 8.60 7.29 18.25
N ASP C 99 8.17 8.12 17.30
CA ASP C 99 9.05 8.56 16.22
C ASP C 99 9.93 9.68 16.77
N SER C 100 11.17 9.33 17.12
CA SER C 100 12.06 10.30 17.74
C SER C 100 12.20 11.56 16.89
N LYS C 101 11.96 11.44 15.58
CA LYS C 101 12.11 12.57 14.67
C LYS C 101 11.14 13.71 14.99
N PHE C 102 9.97 13.40 15.54
CA PHE C 102 8.99 14.45 15.83
C PHE C 102 9.38 15.35 16.98
N TRP C 103 10.12 14.83 17.96
CA TRP C 103 10.43 15.60 19.16
C TRP C 103 11.71 16.41 19.05
N GLU C 104 12.51 16.20 18.01
CA GLU C 104 13.88 16.68 17.97
C GLU C 104 14.00 18.13 17.50
N GLU C 105 12.89 18.82 17.28
CA GLU C 105 12.99 20.25 17.02
C GLU C 105 13.29 21.05 18.29
N ALA C 106 13.34 20.37 19.44
CA ALA C 106 13.72 20.99 20.71
C ALA C 106 14.42 19.94 21.55
N THR C 107 14.94 20.38 22.70
CA THR C 107 15.65 19.49 23.62
C THR C 107 14.96 19.50 24.98
N PRO C 108 14.34 18.40 25.42
CA PRO C 108 13.71 18.39 26.75
C PRO C 108 14.74 18.58 27.85
N ILE C 109 14.25 19.04 29.01
CA ILE C 109 15.16 19.45 30.08
C ILE C 109 15.89 18.25 30.69
N TRP C 110 15.25 17.08 30.73
CA TRP C 110 15.89 15.93 31.36
C TRP C 110 17.14 15.51 30.62
N ILE C 111 17.19 15.74 29.31
CA ILE C 111 18.41 15.51 28.55
C ILE C 111 19.48 16.51 28.97
N THR C 112 19.13 17.81 28.95
CA THR C 112 20.06 18.84 29.37
C THR C 112 20.59 18.56 30.78
N ASN C 113 19.72 18.11 31.68
CA ASN C 113 20.16 17.76 33.02
C ASN C 113 21.23 16.67 32.98
N GLN C 114 21.01 15.66 32.15
CA GLN C 114 21.95 14.54 32.05
C GLN C 114 23.21 14.93 31.30
N ARG C 115 23.11 15.85 30.33
CA ARG C 115 24.31 16.37 29.69
C ARG C 115 25.18 17.15 30.67
N ALA C 116 24.61 17.64 31.77
CA ALA C 116 25.35 18.37 32.79
C ALA C 116 25.83 17.48 33.93
N GLY C 117 25.66 16.16 33.80
CA GLY C 117 26.18 15.23 34.78
C GLY C 117 25.20 14.73 35.82
N HIS C 118 23.97 15.24 35.82
CA HIS C 118 22.97 14.80 36.79
C HIS C 118 22.14 13.67 36.19
N THR C 119 21.19 13.15 36.97
CA THR C 119 20.29 12.11 36.52
C THR C 119 18.86 12.53 36.75
N SER C 120 17.96 12.02 35.91
CA SER C 120 16.55 12.35 35.95
C SER C 120 15.70 11.09 36.03
N GLY C 121 14.57 11.21 36.71
CA GLY C 121 13.61 10.11 36.82
C GLY C 121 12.23 10.56 36.41
N ALA C 122 11.55 9.75 35.59
CA ALA C 122 10.25 10.12 35.05
C ALA C 122 9.21 9.06 35.38
N ALA C 123 8.00 9.52 35.69
CA ALA C 123 6.87 8.66 36.03
C ALA C 123 5.67 9.05 35.17
N MET C 124 5.70 8.62 33.91
CA MET C 124 4.60 8.72 32.95
C MET C 124 4.46 10.11 32.33
N TRP C 125 5.42 11.01 32.51
CA TRP C 125 5.34 12.32 31.90
C TRP C 125 5.45 12.17 30.38
N PRO C 126 4.60 12.86 29.60
CA PRO C 126 4.64 12.69 28.15
C PRO C 126 6.04 12.86 27.57
N GLY C 127 6.46 11.89 26.76
CA GLY C 127 7.74 11.94 26.09
C GLY C 127 8.89 11.29 26.83
N THR C 128 8.69 10.87 28.08
CA THR C 128 9.79 10.33 28.87
C THR C 128 10.12 8.89 28.53
N ASP C 129 9.26 8.18 27.80
CA ASP C 129 9.58 6.87 27.26
C ASP C 129 9.92 6.95 25.77
N VAL C 130 10.31 8.13 25.30
CA VAL C 130 10.69 8.36 23.90
C VAL C 130 12.17 8.71 23.85
N LYS C 131 12.86 8.13 22.88
CA LYS C 131 14.29 8.39 22.67
C LYS C 131 14.45 9.66 21.82
N ILE C 132 15.01 10.70 22.43
CA ILE C 132 15.20 12.00 21.78
C ILE C 132 16.69 12.31 21.77
N HIS C 133 17.18 12.79 20.63
CA HIS C 133 18.60 13.06 20.45
C HIS C 133 19.44 11.86 20.86
N LYS C 134 18.91 10.66 20.61
CA LYS C 134 19.52 9.40 20.99
C LYS C 134 19.58 9.19 22.50
N ARG C 135 18.87 10.00 23.27
CA ARG C 135 18.96 9.99 24.73
C ARG C 135 17.60 9.74 25.35
N PHE C 136 17.59 8.95 26.42
CA PHE C 136 16.45 8.78 27.29
C PHE C 136 16.63 9.53 28.61
N PRO C 137 15.57 9.69 29.39
CA PRO C 137 15.74 10.04 30.80
C PRO C 137 16.49 8.92 31.52
N THR C 138 17.33 9.31 32.49
CA THR C 138 18.16 8.33 33.18
C THR C 138 17.33 7.18 33.72
N HIS C 139 16.20 7.49 34.35
CA HIS C 139 15.21 6.50 34.74
C HIS C 139 13.85 6.93 34.21
N TYR C 140 13.05 5.95 33.81
CA TYR C 140 11.71 6.28 33.32
C TYR C 140 10.86 5.02 33.34
N MET C 141 9.55 5.23 33.21
CA MET C 141 8.56 4.18 33.18
C MET C 141 7.90 4.12 31.81
N PRO C 142 7.58 2.92 31.31
CA PRO C 142 6.76 2.85 30.10
C PRO C 142 5.38 3.42 30.37
N TYR C 143 4.88 4.24 29.45
CA TYR C 143 3.57 4.84 29.69
C TYR C 143 2.54 3.73 29.80
N ASN C 144 1.73 3.79 30.85
CA ASN C 144 0.73 2.77 31.08
C ASN C 144 -0.34 3.40 31.98
N GLU C 145 -1.46 3.80 31.36
CA GLU C 145 -2.51 4.51 32.08
C GLU C 145 -3.00 3.72 33.29
N SER C 146 -2.80 2.41 33.32
CA SER C 146 -3.31 1.58 34.41
C SER C 146 -2.46 1.72 35.67
N VAL C 147 -1.17 2.04 35.54
CA VAL C 147 -0.30 2.16 36.70
C VAL C 147 -0.89 3.15 37.69
N SER C 148 -1.09 2.70 38.93
CA SER C 148 -1.74 3.53 39.93
C SER C 148 -0.87 4.75 40.27
N PHE C 149 -1.51 5.74 40.89
CA PHE C 149 -0.78 6.92 41.34
C PHE C 149 0.30 6.55 42.36
N GLU C 150 -0.02 5.62 43.27
CA GLU C 150 0.92 5.27 44.33
C GLU C 150 2.16 4.60 43.76
N ASP C 151 2.00 3.79 42.72
CA ASP C 151 3.16 3.14 42.12
C ASP C 151 4.08 4.15 41.45
N ARG C 152 3.51 5.16 40.80
CA ARG C 152 4.34 6.19 40.18
C ARG C 152 5.10 6.99 41.23
N VAL C 153 4.43 7.36 42.33
CA VAL C 153 5.11 8.04 43.42
C VAL C 153 6.16 7.13 44.03
N ALA C 154 5.85 5.83 44.14
CA ALA C 154 6.81 4.89 44.72
C ALA C 154 8.11 4.90 43.93
N LYS C 155 8.02 4.84 42.61
CA LYS C 155 9.21 4.85 41.77
C LYS C 155 9.95 6.18 41.90
N ILE C 156 9.20 7.28 42.05
CA ILE C 156 9.81 8.60 42.21
C ILE C 156 10.63 8.65 43.50
N ILE C 157 10.05 8.21 44.61
CA ILE C 157 10.76 8.21 45.88
C ILE C 157 12.05 7.41 45.77
N GLU C 158 11.98 6.25 45.11
CA GLU C 158 13.17 5.41 44.96
C GLU C 158 14.33 6.19 44.35
N TRP C 159 14.07 6.90 43.26
CA TRP C 159 15.15 7.57 42.53
C TRP C 159 15.70 8.77 43.30
N PHE C 160 14.87 9.42 44.13
CA PHE C 160 15.36 10.53 44.94
C PHE C 160 16.15 10.06 46.15
N THR C 161 15.90 8.83 46.61
CA THR C 161 16.54 8.29 47.81
C THR C 161 17.59 7.23 47.51
N SER C 162 17.91 7.01 46.24
CA SER C 162 18.88 5.99 45.88
C SER C 162 20.28 6.44 46.28
N LYS C 163 21.22 5.49 46.24
CA LYS C 163 22.62 5.82 46.51
C LYS C 163 23.15 6.81 45.49
N GLU C 164 22.87 6.55 44.20
CA GLU C 164 23.12 7.49 43.12
C GLU C 164 21.78 8.14 42.79
N PRO C 165 21.47 9.34 43.30
CA PRO C 165 20.09 9.85 43.21
C PRO C 165 19.88 10.88 42.11
N ILE C 166 18.65 10.94 41.60
CA ILE C 166 18.25 11.99 40.67
C ILE C 166 18.06 13.29 41.42
N ASN C 167 18.23 14.41 40.72
CA ASN C 167 17.86 15.72 41.24
C ASN C 167 16.59 16.26 40.59
N LEU C 168 16.13 15.64 39.51
CA LEU C 168 14.91 16.05 38.81
C LEU C 168 13.99 14.86 38.67
N GLY C 169 12.75 15.03 39.08
CA GLY C 169 11.74 13.99 38.93
C GLY C 169 10.51 14.54 38.24
N LEU C 170 9.98 13.76 37.31
CA LEU C 170 8.78 14.12 36.56
C LEU C 170 7.67 13.14 36.90
N LEU C 171 6.55 13.67 37.39
CA LEU C 171 5.39 12.87 37.77
C LEU C 171 4.17 13.37 37.01
N TYR C 172 3.37 12.44 36.50
CA TYR C 172 2.24 12.79 35.66
C TYR C 172 1.03 11.94 36.03
N TRP C 173 -0.15 12.53 35.90
CA TRP C 173 -1.41 11.87 36.24
C TRP C 173 -2.49 12.32 35.26
N GLU C 174 -3.38 11.39 34.91
CA GLU C 174 -4.34 11.61 33.83
C GLU C 174 -5.58 12.37 34.26
N ASP C 175 -5.79 12.57 35.56
CA ASP C 175 -6.98 13.29 36.04
C ASP C 175 -6.59 14.68 36.55
N PRO C 176 -7.55 15.62 36.56
CA PRO C 176 -8.98 15.46 36.26
C PRO C 176 -9.38 15.65 34.79
N ASP C 177 -8.45 15.52 33.85
CA ASP C 177 -8.79 15.69 32.45
C ASP C 177 -9.83 14.68 32.00
N ASP C 178 -9.61 13.40 32.31
CA ASP C 178 -10.49 12.34 31.81
C ASP C 178 -11.94 12.57 32.25
N MET C 179 -12.18 12.69 33.56
CA MET C 179 -13.56 12.90 34.02
C MET C 179 -14.06 14.28 33.64
N GLY C 180 -13.19 15.29 33.69
CA GLY C 180 -13.61 16.60 33.21
C GLY C 180 -14.11 16.53 31.79
N HIS C 181 -13.53 15.63 30.98
CA HIS C 181 -14.03 15.40 29.63
C HIS C 181 -15.42 14.79 29.65
N HIS C 182 -15.58 13.67 30.37
CA HIS C 182 -16.83 12.92 30.31
C HIS C 182 -17.94 13.57 31.12
N LEU C 183 -17.62 14.23 32.23
CA LEU C 183 -18.65 14.91 33.01
C LEU C 183 -18.87 16.35 32.57
N GLY C 184 -17.80 17.04 32.20
CA GLY C 184 -17.87 18.46 31.94
C GLY C 184 -17.54 19.27 33.19
N PRO C 185 -16.76 20.34 33.05
CA PRO C 185 -16.33 21.07 34.25
C PRO C 185 -17.46 21.64 35.08
N ASP C 186 -18.66 21.78 34.52
CA ASP C 186 -19.81 22.27 35.28
C ASP C 186 -20.47 21.20 36.13
N SER C 187 -20.15 19.93 35.88
CA SER C 187 -20.83 18.85 36.58
C SER C 187 -20.56 18.95 38.08
N PRO C 188 -21.58 18.79 38.94
CA PRO C 188 -21.31 18.73 40.39
C PRO C 188 -20.52 17.50 40.79
N LEU C 189 -20.50 16.46 39.96
CA LEU C 189 -19.69 15.27 40.23
C LEU C 189 -18.20 15.54 40.12
N MET C 190 -17.80 16.71 39.62
CA MET C 190 -16.38 17.04 39.58
C MET C 190 -15.82 17.27 40.97
N GLY C 191 -16.66 17.65 41.93
CA GLY C 191 -16.23 17.89 43.28
C GLY C 191 -15.53 16.68 43.87
N PRO C 192 -16.23 15.55 43.89
CA PRO C 192 -15.58 14.30 44.33
C PRO C 192 -14.31 13.98 43.56
N VAL C 193 -14.25 14.34 42.27
CA VAL C 193 -13.04 14.09 41.48
C VAL C 193 -11.92 15.02 41.94
N ILE C 194 -12.24 16.30 42.10
CA ILE C 194 -11.23 17.26 42.54
C ILE C 194 -10.73 16.90 43.93
N SER C 195 -11.65 16.55 44.83
CA SER C 195 -11.25 16.14 46.18
C SER C 195 -10.29 14.96 46.13
N ASP C 196 -10.48 14.05 45.17
CA ASP C 196 -9.56 12.93 45.02
C ASP C 196 -8.15 13.42 44.72
N ILE C 197 -8.01 14.44 43.89
CA ILE C 197 -6.69 14.98 43.58
C ILE C 197 -6.06 15.59 44.82
N ASP C 198 -6.86 16.28 45.64
CA ASP C 198 -6.34 16.82 46.89
C ASP C 198 -5.87 15.70 47.81
N LYS C 199 -6.63 14.60 47.86
CA LYS C 199 -6.19 13.42 48.60
C LYS C 199 -4.86 12.90 48.04
N LYS C 200 -4.82 12.62 46.74
CA LYS C 200 -3.59 12.09 46.14
C LYS C 200 -2.41 13.04 46.35
N LEU C 201 -2.66 14.35 46.29
CA LEU C 201 -1.58 15.29 46.60
C LEU C 201 -1.13 15.14 48.05
N GLY C 202 -2.08 15.03 48.99
CA GLY C 202 -1.71 14.83 50.37
C GLY C 202 -0.90 13.58 50.57
N TYR C 203 -1.27 12.50 49.89
CA TYR C 203 -0.49 11.26 49.97
C TYR C 203 0.93 11.48 49.49
N LEU C 204 1.10 12.25 48.40
CA LEU C 204 2.44 12.54 47.92
C LEU C 204 3.23 13.37 48.93
N ILE C 205 2.55 14.31 49.59
CA ILE C 205 3.23 15.13 50.60
C ILE C 205 3.68 14.25 51.76
N GLN C 206 2.83 13.30 52.15
CA GLN C 206 3.22 12.38 53.23
C GLN C 206 4.46 11.60 52.85
N MET C 207 4.45 10.96 51.67
CA MET C 207 5.57 10.12 51.26
C MET C 207 6.86 10.90 51.15
N LEU C 208 6.78 12.18 50.73
CA LEU C 208 7.98 12.99 50.64
C LEU C 208 8.59 13.22 52.02
N LYS C 209 7.74 13.42 53.03
CA LYS C 209 8.22 13.59 54.40
C LYS C 209 8.82 12.28 54.94
N LYS C 210 8.13 11.16 54.73
CA LYS C 210 8.65 9.88 55.18
C LYS C 210 10.02 9.60 54.59
N ALA C 211 10.25 10.02 53.35
CA ALA C 211 11.54 9.86 52.70
C ALA C 211 12.54 10.94 53.08
N LYS C 212 12.17 11.85 53.99
CA LYS C 212 13.06 12.91 54.45
C LYS C 212 13.45 13.83 53.29
N LEU C 213 12.55 13.98 52.32
CA LEU C 213 12.76 14.84 51.17
C LEU C 213 11.99 16.15 51.24
N TRP C 214 11.09 16.30 52.20
CA TRP C 214 10.17 17.45 52.19
C TRP C 214 10.94 18.76 52.23
N ASN C 215 12.00 18.82 53.04
CA ASN C 215 12.74 20.06 53.25
C ASN C 215 13.93 20.21 52.31
N THR C 216 14.20 19.23 51.45
CA THR C 216 15.33 19.28 50.53
C THR C 216 14.91 19.44 49.08
N LEU C 217 13.61 19.42 48.79
CA LEU C 217 13.13 19.22 47.43
C LEU C 217 12.14 20.33 47.09
N ASN C 218 12.24 20.84 45.86
CA ASN C 218 11.32 21.87 45.38
C ASN C 218 10.18 21.17 44.63
N LEU C 219 9.02 21.10 45.27
CA LEU C 219 7.85 20.43 44.71
C LEU C 219 7.03 21.44 43.91
N ILE C 220 6.68 21.08 42.67
CA ILE C 220 5.91 21.94 41.78
C ILE C 220 4.69 21.16 41.30
N ILE C 221 3.51 21.70 41.55
CA ILE C 221 2.25 21.13 41.07
C ILE C 221 1.70 22.08 40.01
N THR C 222 1.48 21.55 38.81
CA THR C 222 0.97 22.36 37.71
C THR C 222 0.14 21.44 36.81
N SER C 223 -0.27 21.97 35.67
CA SER C 223 -1.02 21.19 34.69
C SER C 223 -0.80 21.81 33.32
N ASP C 224 -1.29 21.12 32.30
CA ASP C 224 -1.11 21.58 30.93
C ASP C 224 -2.18 22.57 30.50
N HIS C 225 -3.39 22.45 31.01
CA HIS C 225 -4.52 23.23 30.51
C HIS C 225 -5.70 23.04 31.44
N GLY C 226 -6.77 23.76 31.17
CA GLY C 226 -8.02 23.66 31.90
C GLY C 226 -9.06 22.87 31.14
N MET C 227 -10.32 23.30 31.28
CA MET C 227 -11.44 22.60 30.66
C MET C 227 -12.60 23.58 30.56
N THR C 228 -13.42 23.40 29.52
CA THR C 228 -14.60 24.23 29.32
C THR C 228 -15.75 23.35 28.89
N GLN C 229 -16.97 23.79 29.20
CA GLN C 229 -18.16 22.99 28.96
C GLN C 229 -18.58 23.08 27.50
N CYS C 230 -18.92 21.93 26.92
CA CYS C 230 -19.48 21.83 25.59
C CYS C 230 -20.96 21.49 25.69
N SER C 231 -21.63 21.50 24.54
CA SER C 231 -23.07 21.27 24.50
C SER C 231 -23.46 20.68 23.16
N GLU C 232 -24.48 19.82 23.18
CA GLU C 232 -25.07 19.33 21.95
C GLU C 232 -25.65 20.46 21.10
N GLU C 233 -25.91 21.61 21.70
CA GLU C 233 -26.43 22.78 21.00
C GLU C 233 -25.32 23.66 20.43
N ARG C 234 -24.06 23.29 20.63
CA ARG C 234 -22.92 24.05 20.12
C ARG C 234 -22.00 23.10 19.33
N LEU C 235 -22.55 22.50 18.29
CA LEU C 235 -21.81 21.59 17.42
C LEU C 235 -21.65 22.20 16.04
N ILE C 236 -20.56 21.84 15.38
CA ILE C 236 -20.23 22.32 14.04
C ILE C 236 -19.88 21.11 13.17
N GLU C 237 -20.64 20.92 12.09
CA GLU C 237 -20.54 19.73 11.26
C GLU C 237 -19.79 20.06 9.97
N LEU C 238 -18.59 19.50 9.81
CA LEU C 238 -17.80 19.76 8.61
C LEU C 238 -18.48 19.23 7.36
N ASP C 239 -19.17 18.08 7.48
CA ASP C 239 -19.85 17.52 6.32
C ASP C 239 -20.95 18.45 5.82
N GLN C 240 -21.48 19.30 6.70
CA GLN C 240 -22.52 20.24 6.29
C GLN C 240 -21.99 21.28 5.31
N TYR C 241 -20.70 21.61 5.40
CA TYR C 241 -20.10 22.67 4.61
C TYR C 241 -19.04 22.18 3.63
N LEU C 242 -18.56 20.96 3.76
CA LEU C 242 -17.44 20.49 2.96
C LEU C 242 -17.71 19.09 2.44
N ASP C 243 -17.05 18.76 1.33
CA ASP C 243 -17.06 17.43 0.76
C ASP C 243 -15.90 16.66 1.38
N LYS C 244 -16.21 15.72 2.27
CA LYS C 244 -15.17 15.01 3.02
C LYS C 244 -14.06 14.50 2.11
N ASP C 245 -14.38 14.21 0.85
CA ASP C 245 -13.40 13.64 -0.07
C ASP C 245 -12.45 14.69 -0.65
N HIS C 246 -12.67 15.98 -0.38
CA HIS C 246 -11.83 17.04 -0.91
C HIS C 246 -10.77 17.52 0.08
N TYR C 247 -10.69 16.93 1.27
CA TYR C 247 -9.73 17.35 2.27
C TYR C 247 -9.40 16.19 3.18
N THR C 248 -8.28 16.34 3.90
CA THR C 248 -7.87 15.39 4.93
C THR C 248 -7.86 16.13 6.27
N LEU C 249 -8.50 15.55 7.28
CA LEU C 249 -8.59 16.16 8.59
C LEU C 249 -7.48 15.58 9.47
N ILE C 250 -6.40 16.33 9.66
CA ILE C 250 -5.27 15.87 10.45
C ILE C 250 -5.61 15.92 11.93
N ASP C 251 -6.18 17.04 12.38
CA ASP C 251 -6.62 17.21 13.75
C ASP C 251 -8.03 17.78 13.73
N GLN C 252 -8.84 17.37 14.71
CA GLN C 252 -10.28 17.58 14.61
C GLN C 252 -10.77 18.82 15.37
N SER C 253 -10.82 18.75 16.70
CA SER C 253 -11.50 19.78 17.49
C SER C 253 -10.73 20.11 18.77
N PRO C 254 -10.85 21.35 19.26
CA PRO C 254 -11.62 22.47 18.68
C PRO C 254 -10.82 23.26 17.64
N VAL C 255 -9.59 22.83 17.37
CA VAL C 255 -8.76 23.43 16.33
C VAL C 255 -8.60 22.39 15.25
N ALA C 256 -9.35 22.55 14.16
CA ALA C 256 -9.33 21.60 13.06
C ALA C 256 -8.15 21.90 12.14
N ALA C 257 -7.27 20.91 11.95
CA ALA C 257 -6.14 21.04 11.05
C ALA C 257 -6.53 20.35 9.75
N ILE C 258 -6.86 21.14 8.74
CA ILE C 258 -7.43 20.66 7.49
C ILE C 258 -6.36 20.74 6.41
N LEU C 259 -6.13 19.63 5.71
CA LEU C 259 -5.18 19.57 4.60
C LEU C 259 -5.93 19.32 3.30
N PRO C 260 -6.26 20.36 2.53
CA PRO C 260 -7.01 20.15 1.29
C PRO C 260 -6.22 19.34 0.28
N LYS C 261 -6.94 18.60 -0.56
CA LYS C 261 -6.33 17.83 -1.63
C LYS C 261 -5.80 18.79 -2.71
N GLU C 262 -4.99 18.24 -3.61
CA GLU C 262 -4.35 19.07 -4.63
C GLU C 262 -5.39 19.85 -5.43
N GLY C 263 -5.16 21.16 -5.56
CA GLY C 263 -6.10 22.02 -6.24
C GLY C 263 -7.41 22.26 -5.52
N LYS C 264 -7.64 21.61 -4.38
CA LYS C 264 -8.89 21.72 -3.64
C LYS C 264 -8.82 22.75 -2.52
N PHE C 265 -7.69 23.45 -2.37
CA PHE C 265 -7.55 24.41 -1.28
C PHE C 265 -8.63 25.49 -1.33
N ASP C 266 -8.80 26.10 -2.51
CA ASP C 266 -9.66 27.28 -2.59
C ASP C 266 -11.09 26.99 -2.16
N GLU C 267 -11.66 25.87 -2.62
CA GLU C 267 -13.04 25.57 -2.24
C GLU C 267 -13.14 25.30 -0.74
N VAL C 268 -12.18 24.57 -0.18
CA VAL C 268 -12.22 24.26 1.24
C VAL C 268 -12.21 25.54 2.07
N TYR C 269 -11.22 26.41 1.84
CA TYR C 269 -11.15 27.66 2.59
C TYR C 269 -12.41 28.50 2.37
N GLU C 270 -12.78 28.70 1.11
CA GLU C 270 -13.91 29.58 0.80
C GLU C 270 -15.22 29.02 1.36
N ALA C 271 -15.36 27.70 1.38
CA ALA C 271 -16.57 27.10 1.95
C ALA C 271 -16.59 27.27 3.47
N LEU C 272 -15.42 27.21 4.11
CA LEU C 272 -15.36 27.26 5.56
C LEU C 272 -15.52 28.68 6.09
N THR C 273 -15.14 29.69 5.31
CA THR C 273 -15.23 31.07 5.78
C THR C 273 -16.67 31.44 6.07
N HIS C 274 -17.61 30.95 5.26
CA HIS C 274 -19.02 31.23 5.44
C HIS C 274 -19.73 30.12 6.20
N ALA C 275 -18.98 29.22 6.85
CA ALA C 275 -19.58 28.01 7.41
C ALA C 275 -20.34 28.31 8.70
N HIS C 276 -19.73 29.00 9.64
CA HIS C 276 -20.34 29.14 10.95
C HIS C 276 -19.90 30.43 11.64
N PRO C 277 -20.79 31.13 12.35
CA PRO C 277 -20.39 32.38 13.01
C PRO C 277 -19.41 32.18 14.17
N ASN C 278 -19.29 30.97 14.71
CA ASN C 278 -18.40 30.67 15.81
C ASN C 278 -17.22 29.79 15.39
N LEU C 279 -16.99 29.66 14.09
CA LEU C 279 -15.81 28.97 13.56
C LEU C 279 -15.01 29.98 12.77
N THR C 280 -13.81 30.33 13.26
CA THR C 280 -12.92 31.26 12.59
C THR C 280 -11.86 30.46 11.84
N VAL C 281 -11.75 30.71 10.54
CA VAL C 281 -10.84 29.99 9.66
C VAL C 281 -9.66 30.89 9.34
N TYR C 282 -8.45 30.36 9.49
CA TYR C 282 -7.23 31.09 9.18
C TYR C 282 -6.44 30.36 8.11
N LYS C 283 -5.93 31.12 7.15
CA LYS C 283 -4.83 30.64 6.34
C LYS C 283 -3.63 30.39 7.24
N LYS C 284 -2.86 29.35 6.95
CA LYS C 284 -1.66 29.09 7.74
C LYS C 284 -0.80 30.32 7.91
N GLU C 285 -0.74 31.18 6.90
CA GLU C 285 0.05 32.40 6.97
C GLU C 285 -0.67 33.52 7.70
N ASP C 286 -1.98 33.40 7.93
CA ASP C 286 -2.76 34.42 8.60
C ASP C 286 -3.06 34.06 10.06
N VAL C 287 -2.52 32.95 10.56
CA VAL C 287 -2.72 32.54 11.95
C VAL C 287 -2.31 33.70 12.86
N PRO C 288 -3.12 34.08 13.84
CA PRO C 288 -2.71 35.17 14.74
C PRO C 288 -1.31 34.92 15.30
N GLU C 289 -0.48 35.97 15.27
CA GLU C 289 0.89 35.84 15.73
C GLU C 289 0.95 35.57 17.23
N ARG C 290 -0.02 36.08 17.98
CA ARG C 290 0.02 35.93 19.43
C ARG C 290 -0.04 34.47 19.85
N TRP C 291 -0.60 33.59 19.02
CA TRP C 291 -0.60 32.17 19.31
C TRP C 291 0.75 31.52 19.06
N HIS C 292 1.58 32.12 18.20
CA HIS C 292 2.87 31.56 17.84
C HIS C 292 2.68 30.13 17.33
N TYR C 293 1.86 30.02 16.29
CA TYR C 293 1.41 28.71 15.81
C TYR C 293 1.31 28.70 14.28
N LYS C 294 2.37 29.18 13.61
CA LYS C 294 2.36 29.21 12.15
C LYS C 294 3.70 28.79 11.56
N TYR C 295 4.80 29.27 12.15
CA TYR C 295 6.13 29.06 11.55
C TYR C 295 6.63 27.66 11.93
N ASN C 296 5.95 26.65 11.39
CA ASN C 296 6.36 25.27 11.54
C ASN C 296 5.72 24.44 10.43
N SER C 297 6.48 23.48 9.90
CA SER C 297 6.00 22.69 8.78
C SER C 297 4.82 21.78 9.15
N ARG C 298 4.64 21.48 10.44
CA ARG C 298 3.53 20.64 10.86
C ARG C 298 2.23 21.43 11.07
N ILE C 299 2.27 22.74 10.96
CA ILE C 299 1.04 23.53 10.92
C ILE C 299 0.44 23.36 9.53
N GLN C 300 -0.79 22.88 9.48
CA GLN C 300 -1.40 22.55 8.20
C GLN C 300 -1.80 23.83 7.47
N PRO C 301 -2.09 23.74 6.17
CA PRO C 301 -2.41 24.98 5.42
C PRO C 301 -3.60 25.75 5.97
N ILE C 302 -4.64 25.04 6.43
CA ILE C 302 -5.85 25.68 6.95
C ILE C 302 -6.03 25.27 8.40
N ILE C 303 -6.30 26.25 9.25
CA ILE C 303 -6.57 26.03 10.67
C ILE C 303 -7.90 26.70 10.99
N ALA C 304 -8.88 25.91 11.40
CA ALA C 304 -10.22 26.41 11.74
C ALA C 304 -10.42 26.29 13.24
N VAL C 305 -10.58 27.42 13.91
CA VAL C 305 -10.67 27.49 15.36
C VAL C 305 -12.12 27.72 15.76
N ALA C 306 -12.65 26.83 16.59
CA ALA C 306 -13.99 27.00 17.12
C ALA C 306 -13.96 27.89 18.36
N ASP C 307 -15.04 28.63 18.57
CA ASP C 307 -15.16 29.48 19.75
C ASP C 307 -15.29 28.63 21.01
N GLU C 308 -15.09 29.28 22.15
CA GLU C 308 -15.18 28.59 23.43
C GLU C 308 -16.52 27.89 23.58
N GLY C 309 -16.47 26.63 24.00
CA GLY C 309 -17.67 25.84 24.20
C GLY C 309 -18.26 25.25 22.94
N TRP C 310 -17.64 25.46 21.78
CA TRP C 310 -18.11 24.90 20.53
C TRP C 310 -17.23 23.72 20.14
N HIS C 311 -17.85 22.70 19.55
CA HIS C 311 -17.17 21.45 19.24
C HIS C 311 -17.31 21.15 17.76
N ILE C 312 -16.21 20.75 17.14
CA ILE C 312 -16.17 20.41 15.72
C ILE C 312 -16.22 18.89 15.59
N LEU C 313 -17.12 18.40 14.75
CA LEU C 313 -17.14 17.00 14.36
C LEU C 313 -17.44 16.93 12.87
N GLN C 314 -16.97 15.84 12.23
CA GLN C 314 -17.15 15.73 10.79
C GLN C 314 -18.60 15.39 10.45
N ASN C 315 -19.17 14.41 11.13
CA ASN C 315 -20.57 14.06 10.99
C ASN C 315 -21.27 14.33 12.32
N LYS C 316 -22.35 15.10 12.27
CA LYS C 316 -23.15 15.34 13.47
C LYS C 316 -23.52 14.07 14.20
N SER C 317 -23.44 12.92 13.54
CA SER C 317 -23.65 11.66 14.24
C SER C 317 -22.44 11.27 15.08
N ASP C 318 -21.29 11.90 14.86
CA ASP C 318 -20.10 11.60 15.64
C ASP C 318 -20.35 11.84 17.13
N ASP C 319 -19.57 11.14 17.95
CA ASP C 319 -19.60 11.36 19.39
C ASP C 319 -18.96 12.70 19.74
N PHE C 320 -19.24 13.17 20.95
CA PHE C 320 -18.50 14.30 21.50
C PHE C 320 -18.57 14.23 23.02
N LEU C 321 -17.65 14.93 23.67
CA LEU C 321 -17.53 14.94 25.12
C LEU C 321 -18.05 16.26 25.68
N LEU C 322 -18.61 16.19 26.88
CA LEU C 322 -19.24 17.34 27.51
C LEU C 322 -18.24 18.39 27.97
N GLY C 323 -16.99 17.99 28.22
CA GLY C 323 -15.94 18.93 28.55
C GLY C 323 -14.81 18.78 27.55
N ASN C 324 -14.15 19.90 27.25
CA ASN C 324 -13.07 19.84 26.27
C ASN C 324 -12.13 21.01 26.47
N HIS C 325 -10.99 20.94 25.77
CA HIS C 325 -9.94 21.92 25.84
C HIS C 325 -9.25 21.98 24.49
N GLY C 326 -8.33 22.93 24.33
CA GLY C 326 -7.68 23.18 23.06
C GLY C 326 -8.01 24.52 22.45
N TYR C 327 -8.87 25.31 23.08
CA TYR C 327 -9.28 26.60 22.54
C TYR C 327 -8.19 27.65 22.73
N ASP C 328 -8.49 28.86 22.27
CA ASP C 328 -7.60 30.00 22.41
C ASP C 328 -7.05 30.09 23.83
N ASN C 329 -5.72 30.15 23.94
CA ASN C 329 -5.06 30.15 25.25
C ASN C 329 -5.28 31.44 26.04
N ALA C 330 -5.91 32.46 25.43
CA ALA C 330 -6.28 33.65 26.19
C ALA C 330 -7.47 33.41 27.10
N LEU C 331 -8.25 32.37 26.84
CA LEU C 331 -9.44 32.09 27.65
C LEU C 331 -9.04 31.66 29.05
N ALA C 332 -9.78 32.17 30.04
CA ALA C 332 -9.49 31.80 31.42
C ALA C 332 -9.80 30.33 31.68
N ASP C 333 -10.75 29.75 30.93
CA ASP C 333 -11.09 28.35 31.12
C ASP C 333 -9.94 27.42 30.74
N MET C 334 -9.02 27.86 29.89
CA MET C 334 -7.90 27.03 29.46
C MET C 334 -6.67 27.17 30.36
N HIS C 335 -6.75 27.96 31.43
CA HIS C 335 -5.56 28.24 32.23
C HIS C 335 -5.43 27.24 33.36
N PRO C 336 -4.27 26.58 33.53
CA PRO C 336 -4.11 25.63 34.63
C PRO C 336 -3.61 26.27 35.90
N ILE C 337 -3.36 25.44 36.92
CA ILE C 337 -2.86 25.90 38.22
C ILE C 337 -1.34 25.96 38.21
N PHE C 338 -0.77 26.58 39.24
CA PHE C 338 0.64 26.47 39.53
C PHE C 338 0.85 26.62 41.03
N LEU C 339 1.37 25.57 41.65
CA LEU C 339 1.72 25.54 43.06
C LEU C 339 3.18 25.16 43.19
N ALA C 340 3.81 25.59 44.28
CA ALA C 340 5.18 25.16 44.53
C ALA C 340 5.51 25.34 46.00
N HIS C 341 6.24 24.37 46.54
CA HIS C 341 6.80 24.42 47.87
C HIS C 341 8.24 23.93 47.79
N GLY C 342 9.14 24.61 48.51
CA GLY C 342 10.51 24.17 48.55
C GLY C 342 11.44 25.18 49.19
N PRO C 343 12.70 24.77 49.38
CA PRO C 343 13.68 25.69 49.97
C PRO C 343 13.92 26.95 49.15
N ALA C 344 13.74 26.87 47.82
CA ALA C 344 13.97 28.02 46.95
C ALA C 344 12.76 28.94 46.83
N PHE C 345 11.57 28.47 47.19
CA PHE C 345 10.34 29.22 46.95
C PHE C 345 9.91 29.97 48.20
N ARG C 346 9.33 31.15 47.99
CA ARG C 346 8.78 31.94 49.09
C ARG C 346 7.73 31.15 49.86
N LYS C 347 7.19 31.75 50.92
CA LYS C 347 6.19 31.13 51.76
C LYS C 347 4.97 32.04 51.85
N ASN C 348 3.79 31.47 51.58
CA ASN C 348 2.54 32.22 51.61
C ASN C 348 2.60 33.44 50.69
N PHE C 349 3.10 33.22 49.48
CA PHE C 349 3.16 34.26 48.47
C PHE C 349 2.27 33.87 47.30
N SER C 350 1.70 34.87 46.63
CA SER C 350 0.81 34.63 45.51
C SER C 350 1.05 35.66 44.43
N LYS C 351 0.87 35.24 43.18
CA LYS C 351 1.09 36.09 42.02
C LYS C 351 -0.14 35.97 41.13
N GLU C 352 -0.46 37.07 40.43
CA GLU C 352 -1.70 37.09 39.65
C GLU C 352 -1.61 36.18 38.43
N ALA C 353 -0.51 36.26 37.69
CA ALA C 353 -0.39 35.50 36.45
C ALA C 353 1.05 35.08 36.24
N MET C 354 1.22 34.07 35.38
CA MET C 354 2.53 33.58 34.98
C MET C 354 2.42 32.99 33.58
N ASN C 355 3.44 33.18 32.77
CA ASN C 355 3.52 32.57 31.46
C ASN C 355 4.09 31.16 31.60
N SER C 356 3.39 30.17 31.04
CA SER C 356 3.83 28.78 31.19
C SER C 356 5.18 28.54 30.53
N THR C 357 5.57 29.38 29.58
CA THR C 357 6.90 29.28 28.98
C THR C 357 8.01 29.70 29.95
N ASP C 358 7.65 30.32 31.07
CA ASP C 358 8.64 30.75 32.05
C ASP C 358 9.01 29.66 33.04
N LEU C 359 8.37 28.49 32.96
CA LEU C 359 8.72 27.40 33.86
C LEU C 359 10.09 26.82 33.52
N TYR C 360 10.40 26.65 32.23
CA TYR C 360 11.68 26.07 31.84
C TYR C 360 12.85 26.82 32.44
N PRO C 361 13.01 28.14 32.23
CA PRO C 361 14.12 28.84 32.87
C PRO C 361 14.10 28.72 34.38
N LEU C 362 12.91 28.62 34.99
CA LEU C 362 12.82 28.44 36.43
C LEU C 362 13.36 27.09 36.83
N LEU C 363 12.97 26.04 36.10
CA LEU C 363 13.46 24.69 36.41
C LEU C 363 14.99 24.64 36.29
N CYS C 364 15.54 25.30 35.28
CA CYS C 364 17.00 25.30 35.10
C CYS C 364 17.71 26.05 36.21
N HIS C 365 17.16 27.21 36.61
CA HIS C 365 17.75 27.97 37.71
C HIS C 365 17.79 27.13 38.98
N LEU C 366 16.71 26.41 39.28
CA LEU C 366 16.67 25.59 40.48
C LEU C 366 17.72 24.49 40.44
N LEU C 367 17.95 23.92 39.27
CA LEU C 367 18.87 22.79 39.11
C LEU C 367 20.31 23.22 38.89
N ASN C 368 20.59 24.53 38.81
CA ASN C 368 21.93 25.04 38.55
C ASN C 368 22.46 24.56 37.22
N ILE C 369 21.55 24.41 36.24
CA ILE C 369 21.92 24.09 34.87
C ILE C 369 21.57 25.30 34.01
N THR C 370 22.20 25.37 32.84
CA THR C 370 21.99 26.48 31.92
C THR C 370 20.86 26.13 30.96
N ALA C 371 19.94 27.07 30.78
CA ALA C 371 18.79 26.85 29.92
C ALA C 371 19.18 26.94 28.45
N MET C 372 18.56 26.09 27.63
CA MET C 372 18.65 26.24 26.20
C MET C 372 17.96 27.54 25.78
N PRO C 373 18.20 28.01 24.56
CA PRO C 373 17.44 29.15 24.06
C PRO C 373 15.95 28.82 24.08
N HIS C 374 15.17 29.74 24.66
CA HIS C 374 13.75 29.52 24.86
C HIS C 374 13.02 30.83 24.65
N ASN C 375 11.69 30.77 24.77
CA ASN C 375 10.83 31.91 24.54
C ASN C 375 10.25 32.48 25.84
N GLY C 376 10.73 31.99 26.99
CA GLY C 376 10.34 32.53 28.27
C GLY C 376 11.44 33.39 28.86
N SER C 377 11.16 33.90 30.06
CA SER C 377 12.11 34.76 30.77
C SER C 377 12.17 34.33 32.23
N PHE C 378 13.38 34.06 32.72
CA PHE C 378 13.55 33.75 34.13
C PHE C 378 13.12 34.93 35.01
N TRP C 379 13.26 36.16 34.51
CA TRP C 379 12.99 37.33 35.34
C TRP C 379 11.50 37.46 35.65
N ASN C 380 10.64 36.96 34.76
CA ASN C 380 9.20 37.02 35.00
C ASN C 380 8.82 36.29 36.30
N VAL C 381 9.58 35.27 36.68
CA VAL C 381 9.21 34.39 37.78
C VAL C 381 10.22 34.40 38.91
N GLN C 382 11.21 35.31 38.87
CA GLN C 382 12.22 35.29 39.93
C GLN C 382 11.66 35.77 41.27
N ASP C 383 10.58 36.54 41.26
CA ASP C 383 9.97 36.96 42.52
C ASP C 383 9.24 35.84 43.23
N LEU C 384 9.18 34.64 42.64
CA LEU C 384 8.68 33.47 43.35
C LEU C 384 9.73 32.86 44.27
N LEU C 385 10.99 33.28 44.14
CA LEU C 385 12.11 32.66 44.82
C LEU C 385 12.61 33.54 45.95
N ASN C 386 13.29 32.91 46.92
CA ASN C 386 13.93 33.67 47.98
C ASN C 386 15.03 34.56 47.42
N SER C 387 15.55 34.24 46.24
CA SER C 387 16.59 34.98 45.51
C SER C 387 17.60 34.01 44.92
#